data_5GTM
#
_entry.id   5GTM
#
_cell.length_a   104.180
_cell.length_b   60.160
_cell.length_c   153.920
_cell.angle_alpha   90.00
_cell.angle_beta   98.62
_cell.angle_gamma   90.00
#
_symmetry.space_group_name_H-M   'P 1 21 1'
#
loop_
_entity.id
_entity.type
_entity.pdbx_description
1 polymer 'Interferon-induced GTP-binding protein Mx1'
2 water water
#
_entity_poly.entity_id   1
_entity_poly.type   'polypeptide(L)'
_entity_poly.pdbx_seq_one_letter_code
;PGSVAENNLCSQYEEKVRPCIDLIDSLRALGVEQDLALPAIAVIGDQSSGKSSVLEALSGVALPRGSGIVTRCPLVLKLK
KLVNEDKWRGKVSYQDYEIEISDASEVEKEINKAQNAIAGEGMGISHELITLEISSRDVPDLTLIDLPGITRVAVGNQPA
DIGYKIKTLIKKYIQRQETISLVVVPSNVDIATTEALSMAQEVDPEGDRTIGILTKPDLVDKGTEDKVVDVVRNLVFHLK
KGYMIVKCRGQQEIQDQLSLSEALQREKIFFENHPYFRDLLEEGKATVPCLAEKLTSELITHICKSLPLLENQIKETHQR
ITEELQKYGVDIPEDENEKMFFLSDKINAFNQDITALMQGEETVGEEDIRLFTRLRHEFHKWSTIIENNFQEGHKILSRK
IQKFENQAAAAELPGFVNYRTFETIVKQQIKALEEPAVDMLHTVTDMVRLAFTDVSIKNFEEFFNLHRTAKSKIEDIRAE
QEREGEKLIRLHFQDEQIVYGAFQSSSATDSSMEEIFQHLMAYHQEASKRISSHIPLIIQFFMLQTYGQQLQSAMSQLSQ
DKDTYSWLLKERSDTSDKRKFLKERLARLTQARRRLAQFPG
;
_entity_poly.pdbx_strand_id   A,B
#
# COMPACT_ATOMS: atom_id res chain seq x y z
N LYS A 16 0.75 7.59 63.44
CA LYS A 16 1.75 8.54 63.94
C LYS A 16 2.71 7.88 64.92
N VAL A 17 2.15 7.08 65.83
CA VAL A 17 2.90 6.53 66.95
C VAL A 17 4.08 5.67 66.45
N ARG A 18 3.72 4.58 65.78
CA ARG A 18 4.67 3.57 65.32
C ARG A 18 4.62 3.37 63.80
N PRO A 19 3.40 3.33 63.19
CA PRO A 19 3.28 3.12 61.74
C PRO A 19 4.20 3.94 60.83
N CYS A 20 4.39 5.24 61.07
CA CYS A 20 5.28 6.05 60.21
C CYS A 20 6.60 5.34 59.99
N ILE A 21 7.15 4.78 61.07
CA ILE A 21 8.38 3.99 61.00
C ILE A 21 8.17 2.63 60.32
N ASP A 22 7.09 1.93 60.68
CA ASP A 22 6.79 0.63 60.06
C ASP A 22 6.79 0.73 58.53
N LEU A 23 6.20 1.81 58.06
CA LEU A 23 6.12 2.15 56.64
C LEU A 23 7.49 2.07 55.95
N ILE A 24 8.40 2.94 56.34
CA ILE A 24 9.66 3.07 55.64
C ILE A 24 10.44 1.76 55.71
N ASP A 25 10.48 1.14 56.88
CA ASP A 25 11.29 -0.07 57.03
C ASP A 25 10.83 -1.19 56.13
N SER A 26 9.52 -1.29 55.91
CA SER A 26 9.02 -2.32 55.01
C SER A 26 9.34 -1.93 53.58
N LEU A 27 9.35 -0.64 53.29
CA LEU A 27 9.81 -0.19 51.97
C LEU A 27 11.29 -0.50 51.81
N ARG A 28 12.02 -0.47 52.92
CA ARG A 28 13.43 -0.81 52.92
C ARG A 28 13.61 -2.30 52.71
N ALA A 29 12.75 -3.07 53.35
CA ALA A 29 12.76 -4.51 53.19
C ALA A 29 12.38 -4.91 51.75
N LEU A 30 11.66 -4.04 51.05
CA LEU A 30 11.33 -4.27 49.64
C LEU A 30 12.59 -4.36 48.74
N GLY A 31 13.70 -3.81 49.20
CA GLY A 31 14.91 -3.81 48.38
C GLY A 31 14.83 -2.67 47.40
N VAL A 32 13.96 -1.71 47.72
CA VAL A 32 13.71 -0.58 46.85
C VAL A 32 14.78 0.47 46.99
N GLU A 33 15.43 0.47 48.15
CA GLU A 33 16.35 1.53 48.54
C GLU A 33 17.46 1.81 47.50
N GLN A 34 17.69 0.88 46.59
CA GLN A 34 18.61 1.12 45.49
C GLN A 34 18.01 2.02 44.40
N ASP A 35 16.71 1.90 44.14
CA ASP A 35 16.04 2.77 43.18
C ASP A 35 15.52 4.05 43.83
N LEU A 36 15.33 3.98 45.15
CA LEU A 36 14.64 5.04 45.86
C LEU A 36 15.28 5.46 47.19
N ALA A 37 15.22 6.76 47.48
CA ALA A 37 15.78 7.31 48.70
C ALA A 37 14.73 7.25 49.82
N LEU A 38 15.07 6.54 50.90
CA LEU A 38 14.15 6.38 52.02
C LEU A 38 14.65 7.15 53.22
N PRO A 39 13.74 7.90 53.87
CA PRO A 39 14.01 8.73 55.07
C PRO A 39 14.70 7.97 56.19
N ALA A 40 15.82 8.53 56.66
CA ALA A 40 16.64 7.79 57.60
C ALA A 40 17.53 8.66 58.46
N ILE A 41 17.96 8.07 59.56
CA ILE A 41 19.03 8.63 60.36
C ILE A 41 20.25 7.78 60.14
N ALA A 42 21.27 8.38 59.53
CA ALA A 42 22.54 7.70 59.34
C ALA A 42 23.47 8.05 60.48
N VAL A 43 24.02 7.01 61.11
CA VAL A 43 24.94 7.15 62.25
C VAL A 43 26.40 7.16 61.82
N ILE A 44 27.00 8.34 61.86
CA ILE A 44 28.40 8.53 61.53
C ILE A 44 29.32 8.19 62.70
N GLY A 45 30.22 7.24 62.49
CA GLY A 45 31.19 6.90 63.52
C GLY A 45 32.57 7.52 63.31
N ASP A 46 33.20 7.86 64.41
CA ASP A 46 34.57 8.35 64.39
C ASP A 46 35.54 7.31 64.93
N GLN A 47 36.82 7.66 64.86
CA GLN A 47 37.87 6.89 65.52
C GLN A 47 37.64 7.00 67.02
N SER A 48 37.42 5.87 67.68
CA SER A 48 37.24 5.83 69.14
C SER A 48 36.20 6.82 69.66
N SER A 49 35.25 7.18 68.81
CA SER A 49 34.17 8.06 69.22
C SER A 49 33.33 7.37 70.27
N GLY A 50 33.42 6.04 70.30
CA GLY A 50 32.68 5.24 71.25
C GLY A 50 31.24 5.08 70.79
N LYS A 51 31.02 5.35 69.50
CA LYS A 51 29.69 5.25 68.91
C LYS A 51 29.07 3.90 69.18
N SER A 52 29.91 2.87 69.13
CA SER A 52 29.51 1.50 69.35
C SER A 52 28.75 1.43 70.67
N SER A 53 29.30 2.10 71.67
CA SER A 53 28.76 2.09 73.03
C SER A 53 27.44 2.88 73.13
N VAL A 54 27.30 3.90 72.29
CA VAL A 54 26.12 4.74 72.31
C VAL A 54 24.90 4.00 71.78
N LEU A 55 25.13 3.24 70.72
CA LEU A 55 24.09 2.42 70.17
C LEU A 55 23.71 1.34 71.18
N GLU A 56 24.72 0.80 71.87
CA GLU A 56 24.46 -0.14 72.94
C GLU A 56 23.46 0.44 73.94
N ALA A 57 23.64 1.71 74.27
CA ALA A 57 22.80 2.38 75.26
C ALA A 57 21.34 2.45 74.82
N LEU A 58 21.14 2.73 73.53
CA LEU A 58 19.79 2.85 73.01
C LEU A 58 19.17 1.46 72.85
N SER A 59 19.92 0.55 72.22
CA SER A 59 19.48 -0.81 71.97
C SER A 59 19.32 -1.64 73.25
N GLY A 60 20.19 -1.39 74.22
CA GLY A 60 20.14 -2.08 75.50
C GLY A 60 20.88 -3.41 75.51
N VAL A 61 21.54 -3.74 74.41
CA VAL A 61 22.23 -5.01 74.25
C VAL A 61 23.65 -4.82 73.70
N ARG A 72 32.06 -4.77 59.54
CA ARG A 72 30.84 -3.98 59.61
C ARG A 72 30.40 -3.41 58.25
N CYS A 73 29.30 -3.93 57.74
CA CYS A 73 28.61 -3.31 56.61
C CYS A 73 27.20 -2.95 57.12
N PRO A 74 26.62 -1.85 56.59
CA PRO A 74 25.50 -1.10 57.20
C PRO A 74 24.50 -1.91 58.04
N LEU A 75 24.33 -1.49 59.30
CA LEU A 75 23.39 -2.14 60.23
C LEU A 75 22.15 -1.28 60.39
N VAL A 76 20.98 -1.89 60.19
CA VAL A 76 19.71 -1.18 60.40
C VAL A 76 19.09 -1.48 61.77
N LEU A 77 18.97 -0.46 62.60
CA LEU A 77 18.41 -0.62 63.94
C LEU A 77 16.95 -0.25 63.99
N LYS A 78 16.07 -1.24 63.84
CA LYS A 78 14.64 -0.98 63.92
C LYS A 78 14.20 -1.22 65.35
N LEU A 79 13.90 -0.13 66.07
CA LEU A 79 13.61 -0.27 67.48
C LEU A 79 12.12 -0.09 67.76
N LYS A 80 11.56 -1.03 68.52
CA LYS A 80 10.15 -0.99 68.88
C LYS A 80 9.96 -1.26 70.38
N LYS A 81 9.29 -0.34 71.07
CA LYS A 81 9.07 -0.46 72.52
C LYS A 81 7.84 -1.24 72.91
N LEU A 82 8.05 -2.32 73.66
CA LEU A 82 6.96 -3.18 74.13
C LEU A 82 6.05 -2.44 75.09
N ASN A 84 3.20 -3.97 77.01
CA ASN A 84 2.57 -4.86 77.97
C ASN A 84 2.85 -6.34 77.64
N GLU A 85 2.50 -6.74 76.43
CA GLU A 85 2.58 -8.15 75.97
C GLU A 85 3.95 -8.85 76.08
N ASP A 86 5.04 -8.14 75.83
CA ASP A 86 6.40 -8.67 76.01
C ASP A 86 6.71 -9.84 75.07
N LYS A 91 15.40 -10.39 66.52
CA LYS A 91 15.31 -10.77 65.11
C LYS A 91 16.43 -10.15 64.28
N VAL A 92 17.19 -11.00 63.59
CA VAL A 92 18.30 -10.53 62.75
C VAL A 92 18.19 -11.13 61.35
N SER A 93 18.36 -10.31 60.32
CA SER A 93 18.27 -10.82 58.95
C SER A 93 19.42 -10.34 58.08
N TYR A 94 20.33 -11.27 57.79
CA TYR A 94 21.37 -11.08 56.81
C TYR A 94 20.80 -11.60 55.50
N GLN A 95 20.84 -10.77 54.46
CA GLN A 95 20.32 -11.15 53.15
C GLN A 95 18.88 -11.67 53.30
N ASP A 96 18.69 -12.96 53.00
CA ASP A 96 17.38 -13.56 53.11
C ASP A 96 17.07 -14.23 54.46
N TYR A 97 18.11 -14.61 55.21
CA TYR A 97 17.86 -15.53 56.33
C TYR A 97 17.84 -14.86 57.70
N GLU A 98 17.25 -15.53 58.68
CA GLU A 98 17.01 -14.95 60.01
C GLU A 98 17.09 -15.90 61.23
N ILE A 99 17.33 -15.28 62.39
CA ILE A 99 17.42 -15.97 63.69
C ILE A 99 16.59 -15.21 64.74
N GLU A 100 16.06 -15.94 65.71
CA GLU A 100 15.17 -15.38 66.73
C GLU A 100 15.55 -15.71 68.17
N ILE A 101 15.33 -14.76 69.08
CA ILE A 101 15.54 -14.98 70.51
C ILE A 101 14.33 -14.52 71.32
N ALA A 104 18.27 -12.25 74.15
CA ALA A 104 18.99 -11.03 73.80
C ALA A 104 20.50 -11.19 73.99
N SER A 105 20.92 -12.19 74.76
CA SER A 105 22.35 -12.43 75.01
C SER A 105 23.08 -12.94 73.77
N GLU A 106 22.38 -13.77 72.98
CA GLU A 106 22.99 -14.42 71.82
C GLU A 106 23.31 -13.43 70.70
N VAL A 107 22.70 -12.26 70.73
CA VAL A 107 22.77 -11.29 69.64
C VAL A 107 24.19 -10.99 69.17
N GLU A 108 25.11 -10.86 70.11
CA GLU A 108 26.49 -10.49 69.83
C GLU A 108 27.10 -11.42 68.78
N LYS A 109 26.96 -12.72 69.03
CA LYS A 109 27.57 -13.74 68.17
C LYS A 109 26.92 -13.81 66.78
N GLU A 110 25.59 -13.64 66.71
CA GLU A 110 24.86 -13.64 65.42
C GLU A 110 25.29 -12.51 64.49
N ILE A 111 25.62 -11.38 65.09
CA ILE A 111 26.08 -10.22 64.34
C ILE A 111 27.35 -10.51 63.56
N ASN A 112 28.39 -10.88 64.28
CA ASN A 112 29.71 -11.12 63.69
C ASN A 112 29.70 -12.30 62.70
N LYS A 113 28.74 -13.19 62.87
CA LYS A 113 28.56 -14.33 61.97
C LYS A 113 28.09 -13.91 60.58
N ALA A 114 27.03 -13.10 60.57
CA ALA A 114 26.39 -12.63 59.35
C ALA A 114 27.32 -11.84 58.46
N GLN A 115 28.17 -11.04 59.09
CA GLN A 115 29.11 -10.19 58.38
C GLN A 115 30.09 -10.97 57.52
N ASN A 116 30.74 -11.95 58.11
CA ASN A 116 31.70 -12.76 57.36
C ASN A 116 31.01 -13.41 56.18
N ALA A 117 29.75 -13.81 56.39
CA ALA A 117 28.93 -14.42 55.34
C ALA A 117 28.78 -13.49 54.14
N HIS A 127 28.64 -4.47 52.23
CA HIS A 127 27.89 -3.32 51.72
C HIS A 127 26.37 -3.56 51.62
N GLU A 128 25.92 -4.71 52.10
CA GLU A 128 24.52 -5.11 51.97
C GLU A 128 23.89 -4.95 53.34
N LEU A 129 22.59 -4.67 53.39
CA LEU A 129 21.95 -4.32 54.66
C LEU A 129 21.71 -5.52 55.58
N ILE A 130 22.06 -5.32 56.84
CA ILE A 130 21.72 -6.26 57.90
C ILE A 130 20.73 -5.60 58.85
N THR A 131 19.52 -6.14 58.93
CA THR A 131 18.50 -5.53 59.78
C THR A 131 18.39 -6.24 61.11
N LEU A 132 18.27 -5.46 62.18
CA LEU A 132 18.11 -5.97 63.53
C LEU A 132 16.90 -5.35 64.20
N GLU A 133 15.94 -6.18 64.61
CA GLU A 133 14.75 -5.69 65.28
C GLU A 133 14.70 -6.15 66.72
N ILE A 134 14.66 -5.18 67.62
CA ILE A 134 14.62 -5.46 69.05
C ILE A 134 13.37 -4.84 69.64
N SER A 135 12.79 -5.54 70.61
CA SER A 135 11.61 -5.04 71.29
C SER A 135 11.68 -5.34 72.79
N SER A 136 11.72 -4.28 73.58
CA SER A 136 11.70 -4.34 75.04
C SER A 136 11.04 -3.06 75.54
N ARG A 137 10.68 -3.06 76.82
CA ARG A 137 9.88 -1.99 77.39
C ARG A 137 10.59 -0.63 77.40
N ASP A 138 11.92 -0.66 77.40
CA ASP A 138 12.73 0.54 77.58
C ASP A 138 13.37 1.11 76.30
N VAL A 139 13.57 0.25 75.32
CA VAL A 139 14.10 0.62 74.01
C VAL A 139 13.16 1.60 73.33
N PRO A 140 13.69 2.65 72.66
CA PRO A 140 12.83 3.65 72.03
C PRO A 140 12.21 3.16 70.74
N ASP A 141 11.19 3.86 70.25
CA ASP A 141 10.62 3.57 68.93
C ASP A 141 11.42 4.33 67.89
N LEU A 142 12.40 3.69 67.28
CA LEU A 142 13.38 4.45 66.50
C LEU A 142 14.16 3.61 65.51
N THR A 143 14.19 4.02 64.25
CA THR A 143 15.02 3.29 63.31
C THR A 143 16.26 4.08 62.87
N LEU A 144 17.41 3.46 63.07
CA LEU A 144 18.68 4.06 62.73
C LEU A 144 19.42 3.16 61.75
N ILE A 145 20.34 3.73 60.99
CA ILE A 145 21.24 2.93 60.19
C ILE A 145 22.70 3.21 60.58
N ASP A 146 23.41 2.18 61.05
CA ASP A 146 24.80 2.36 61.50
C ASP A 146 25.80 2.06 60.36
N LEU A 147 26.75 2.96 60.17
CA LEU A 147 27.76 2.80 59.14
C LEU A 147 29.16 2.55 59.74
N PRO A 148 30.07 1.94 58.95
CA PRO A 148 31.42 1.71 59.46
C PRO A 148 32.08 3.03 59.82
N GLY A 149 32.75 3.07 60.96
CA GLY A 149 33.35 4.30 61.44
C GLY A 149 34.44 4.73 60.49
N ILE A 150 34.81 6.00 60.56
CA ILE A 150 35.79 6.54 59.62
C ILE A 150 37.19 6.20 60.14
N THR A 151 38.15 6.10 59.23
CA THR A 151 39.50 5.68 59.58
C THR A 151 40.56 6.40 58.75
N ILE A 162 41.68 1.62 51.03
CA ILE A 162 40.48 0.82 51.34
C ILE A 162 39.54 1.68 52.22
N GLY A 163 40.12 2.76 52.75
CA GLY A 163 39.40 3.82 53.45
C GLY A 163 38.56 4.67 52.50
N TYR A 164 39.10 4.89 51.30
CA TYR A 164 38.46 5.65 50.21
C TYR A 164 37.04 5.13 49.97
N LYS A 165 36.88 3.83 50.18
CA LYS A 165 35.64 3.11 49.95
C LYS A 165 34.62 3.39 51.04
N ILE A 166 35.07 3.47 52.28
CA ILE A 166 34.17 3.72 53.40
C ILE A 166 33.55 5.12 53.34
N LYS A 167 34.34 6.13 53.01
CA LYS A 167 33.79 7.47 52.77
C LYS A 167 32.68 7.41 51.73
N THR A 168 32.96 6.78 50.61
CA THR A 168 32.02 6.65 49.51
C THR A 168 30.75 5.87 49.91
N LEU A 169 30.92 4.85 50.74
CA LEU A 169 29.75 4.11 51.27
C LEU A 169 28.92 5.06 52.13
N ILE A 170 29.61 5.72 53.04
CA ILE A 170 28.98 6.69 53.90
C ILE A 170 28.35 7.81 53.07
N LYS A 171 29.12 8.39 52.14
CA LYS A 171 28.58 9.46 51.28
C LYS A 171 27.35 8.99 50.51
N LYS A 172 27.34 7.71 50.12
CA LYS A 172 26.23 7.09 49.39
C LYS A 172 24.88 7.28 50.07
N TYR A 173 24.89 7.24 51.40
CA TYR A 173 23.69 7.47 52.21
C TYR A 173 23.47 8.94 52.54
N ILE A 174 24.54 9.59 52.97
CA ILE A 174 24.46 10.93 53.50
C ILE A 174 23.99 12.00 52.52
N GLN A 175 24.40 11.90 51.25
CA GLN A 175 24.14 12.99 50.30
C GLN A 175 22.66 13.20 49.97
N ARG A 176 21.81 12.22 50.29
CA ARG A 176 20.39 12.32 49.96
C ARG A 176 19.72 13.29 50.94
N GLN A 177 19.02 14.30 50.42
CA GLN A 177 18.34 15.27 51.28
C GLN A 177 17.27 14.63 52.15
N GLU A 178 17.10 13.33 51.98
CA GLU A 178 16.16 12.58 52.78
C GLU A 178 16.90 11.91 53.92
N THR A 179 18.21 12.09 53.94
CA THR A 179 19.00 11.59 55.07
C THR A 179 19.39 12.69 56.06
N ILE A 180 19.19 12.37 57.32
CA ILE A 180 19.67 13.16 58.43
C ILE A 180 20.93 12.50 58.98
N SER A 181 22.02 13.24 58.89
CA SER A 181 23.34 12.77 59.30
C SER A 181 23.48 12.92 60.81
N LEU A 182 23.76 11.82 61.50
CA LEU A 182 23.82 11.80 62.97
C LEU A 182 25.24 11.61 63.48
N VAL A 183 25.92 12.74 63.68
CA VAL A 183 27.35 12.78 63.93
C VAL A 183 27.75 12.50 65.38
N VAL A 184 28.60 11.49 65.57
CA VAL A 184 29.09 11.13 66.90
C VAL A 184 30.59 11.41 67.12
N VAL A 185 30.89 12.39 67.96
CA VAL A 185 32.27 12.77 68.22
C VAL A 185 32.54 12.91 69.71
N PRO A 186 33.77 12.54 70.15
CA PRO A 186 34.19 12.76 71.53
C PRO A 186 34.23 14.26 71.82
N SER A 187 33.70 14.69 72.97
CA SER A 187 33.54 16.11 73.25
C SER A 187 34.80 16.92 73.56
N ASN A 188 35.90 16.28 73.94
CA ASN A 188 37.13 17.02 74.23
C ASN A 188 37.87 17.50 72.98
N VAL A 189 37.66 16.81 71.87
CA VAL A 189 38.28 17.18 70.61
C VAL A 189 37.49 18.34 70.01
N ASP A 190 38.20 19.25 69.35
CA ASP A 190 37.57 20.36 68.66
C ASP A 190 36.62 19.79 67.61
N ILE A 191 35.45 20.40 67.44
CA ILE A 191 34.53 19.89 66.43
C ILE A 191 35.00 20.30 65.04
N ALA A 192 35.78 21.38 64.98
CA ALA A 192 36.29 21.88 63.71
C ALA A 192 37.18 20.83 63.03
N THR A 193 37.96 20.12 63.81
CA THR A 193 38.88 19.11 63.27
C THR A 193 38.21 17.80 62.88
N THR A 194 37.14 17.42 63.59
CA THR A 194 36.55 16.09 63.39
C THR A 194 36.17 15.83 61.94
N GLU A 195 36.49 14.63 61.50
CA GLU A 195 36.17 14.19 60.16
C GLU A 195 34.66 14.07 60.03
N ALA A 196 34.04 13.59 61.09
CA ALA A 196 32.60 13.37 61.13
C ALA A 196 31.82 14.60 60.66
N LEU A 197 31.97 15.72 61.38
CA LEU A 197 31.33 16.95 60.97
C LEU A 197 31.70 17.38 59.58
N SER A 198 32.98 17.25 59.25
CA SER A 198 33.46 17.70 57.96
C SER A 198 32.65 17.03 56.85
N MET A 199 32.53 15.71 56.94
CA MET A 199 31.72 14.95 56.00
C MET A 199 30.30 15.49 55.98
N ALA A 200 29.75 15.62 57.19
CA ALA A 200 28.40 16.11 57.37
C ALA A 200 28.25 17.45 56.71
N GLN A 201 29.27 18.29 56.88
CA GLN A 201 29.24 19.63 56.31
C GLN A 201 29.37 19.63 54.81
N GLU A 202 30.17 18.70 54.27
CA GLU A 202 30.39 18.56 52.83
C GLU A 202 29.09 18.26 52.10
N VAL A 203 28.19 17.61 52.81
CA VAL A 203 26.89 17.22 52.28
C VAL A 203 25.77 18.15 52.76
N ASP A 204 25.86 18.52 54.02
CA ASP A 204 24.86 19.41 54.60
C ASP A 204 25.47 20.74 55.01
N PRO A 205 25.64 21.66 54.04
CA PRO A 205 26.34 22.94 54.23
C PRO A 205 25.68 23.79 55.32
N GLU A 206 24.35 23.73 55.41
CA GLU A 206 23.62 24.64 56.28
C GLU A 206 23.27 24.00 57.62
N GLY A 207 23.74 22.78 57.83
CA GLY A 207 23.50 22.06 59.07
C GLY A 207 22.03 21.79 59.34
N ASP A 208 21.25 21.65 58.27
CA ASP A 208 19.80 21.46 58.37
C ASP A 208 19.38 19.99 58.42
N ARG A 209 20.32 19.07 58.23
CA ARG A 209 20.00 17.65 58.26
C ARG A 209 20.99 16.92 59.17
N THR A 210 21.73 17.67 59.96
CA THR A 210 22.74 17.05 60.80
C THR A 210 22.36 17.19 62.29
N ILE A 211 22.69 16.15 63.06
CA ILE A 211 22.51 16.15 64.50
C ILE A 211 23.80 15.74 65.19
N GLY A 212 24.22 16.51 66.20
CA GLY A 212 25.45 16.25 66.91
C GLY A 212 25.31 15.49 68.20
N ILE A 213 26.14 14.46 68.37
CA ILE A 213 26.24 13.74 69.63
C ILE A 213 27.62 13.88 70.21
N LEU A 214 27.74 14.52 71.37
CA LEU A 214 29.04 14.60 72.04
C LEU A 214 29.11 13.44 73.02
N THR A 215 30.24 12.76 73.04
CA THR A 215 30.37 11.56 73.87
C THR A 215 31.43 11.72 74.94
N LYS A 216 31.52 10.70 75.80
CA LYS A 216 32.50 10.62 76.90
C LYS A 216 32.93 11.99 77.45
N PRO A 217 31.99 12.71 78.06
CA PRO A 217 32.26 14.04 78.59
C PRO A 217 33.16 14.03 79.83
N ASP A 218 33.68 12.86 80.21
CA ASP A 218 34.71 12.79 81.24
C ASP A 218 36.01 13.42 80.78
N LEU A 219 36.51 12.95 79.64
CA LEU A 219 37.87 13.28 79.22
C LEU A 219 37.99 14.70 78.66
N VAL A 220 37.07 15.57 79.06
CA VAL A 220 37.16 16.98 78.73
C VAL A 220 38.28 17.61 79.56
N ASP A 221 39.33 18.10 78.88
CA ASP A 221 40.44 18.74 79.56
C ASP A 221 39.89 19.80 80.50
N LYS A 222 40.46 19.89 81.69
CA LYS A 222 39.93 20.81 82.67
C LYS A 222 40.37 22.20 82.26
N GLY A 223 39.46 23.17 82.35
CA GLY A 223 39.73 24.49 81.83
C GLY A 223 38.93 24.84 80.59
N THR A 224 38.55 23.81 79.81
CA THR A 224 37.82 24.01 78.55
C THR A 224 36.41 23.43 78.58
N GLU A 225 35.82 23.31 79.77
CA GLU A 225 34.45 22.82 79.91
C GLU A 225 33.42 23.73 79.28
N ASP A 226 33.68 25.04 79.34
CA ASP A 226 32.76 26.04 78.79
C ASP A 226 32.69 25.97 77.28
N LYS A 227 33.76 25.50 76.64
CA LYS A 227 33.77 25.35 75.20
C LYS A 227 32.81 24.25 74.78
N VAL A 228 32.75 23.19 75.58
CA VAL A 228 31.84 22.10 75.27
C VAL A 228 30.41 22.62 75.38
N VAL A 229 30.17 23.39 76.43
CA VAL A 229 28.85 23.95 76.71
C VAL A 229 28.42 24.91 75.60
N ASP A 230 29.34 25.66 75.02
CA ASP A 230 28.96 26.54 73.91
C ASP A 230 28.55 25.73 72.67
N VAL A 231 29.19 24.58 72.47
CA VAL A 231 28.85 23.72 71.33
C VAL A 231 27.45 23.14 71.47
N VAL A 232 27.15 22.56 72.64
CA VAL A 232 25.86 21.93 72.85
C VAL A 232 24.75 22.99 72.80
N ARG A 233 25.02 24.17 73.33
CA ARG A 233 24.02 25.24 73.35
C ARG A 233 23.88 25.87 71.97
N ASN A 234 24.60 25.31 71.00
CA ASN A 234 24.53 25.67 69.58
C ASN A 234 25.23 26.97 69.19
N LEU A 235 26.21 27.38 69.99
CA LEU A 235 26.83 28.67 69.72
C LEU A 235 27.97 28.67 68.68
N VAL A 236 28.50 27.50 68.36
CA VAL A 236 29.62 27.45 67.42
C VAL A 236 29.12 27.14 66.02
N PHE A 237 28.97 25.87 65.65
CA PHE A 237 28.40 25.56 64.36
C PHE A 237 26.92 25.23 64.53
N HIS A 238 26.09 26.02 63.87
CA HIS A 238 24.65 25.99 64.08
C HIS A 238 23.93 24.89 63.26
N LEU A 239 23.14 24.10 63.98
CA LEU A 239 22.37 22.98 63.43
C LEU A 239 20.87 23.19 63.65
N LYS A 240 20.05 23.16 62.60
CA LYS A 240 18.60 23.26 62.81
C LYS A 240 18.16 22.25 63.87
N LYS A 241 18.61 21.02 63.71
CA LYS A 241 18.14 19.91 64.52
C LYS A 241 18.97 19.66 65.80
N GLY A 242 20.01 20.46 66.03
CA GLY A 242 20.67 20.59 67.32
C GLY A 242 21.75 19.63 67.84
N TYR A 243 22.18 19.87 69.09
CA TYR A 243 23.19 19.04 69.75
C TYR A 243 22.61 18.38 70.99
N MET A 244 23.22 17.27 71.40
CA MET A 244 22.92 16.59 72.65
C MET A 244 24.19 15.97 73.16
N ILE A 245 24.37 15.89 74.47
CA ILE A 245 25.58 15.27 75.03
C ILE A 245 25.26 14.09 75.94
N VAL A 246 26.02 13.01 75.81
CA VAL A 246 25.78 11.80 76.58
C VAL A 246 27.06 11.17 77.16
N LYS A 247 26.93 10.47 78.28
CA LYS A 247 28.03 9.78 78.94
C LYS A 247 27.80 8.27 78.88
N CYS A 248 28.76 7.52 78.35
CA CYS A 248 28.55 6.07 78.20
C CYS A 248 29.73 5.18 78.57
N ARG A 249 29.61 3.89 78.23
CA ARG A 249 30.58 2.88 78.64
C ARG A 249 31.97 3.09 78.08
N GLY A 250 32.87 3.46 78.99
CA GLY A 250 34.26 3.68 78.67
C GLY A 250 35.06 2.40 78.52
N GLN A 251 36.37 2.57 78.55
CA GLN A 251 37.30 1.47 78.40
C GLN A 251 37.27 0.51 79.59
N GLN A 252 37.29 1.05 80.80
CA GLN A 252 37.40 0.24 82.01
C GLN A 252 36.12 -0.49 82.46
N GLU A 253 34.96 -0.07 81.97
CA GLU A 253 33.73 -0.76 82.35
C GLU A 253 33.32 -1.79 81.31
N ILE A 254 33.73 -1.57 80.07
CA ILE A 254 33.45 -2.54 79.02
C ILE A 254 34.27 -3.81 79.31
N GLN A 255 35.39 -3.68 80.04
CA GLN A 255 36.15 -4.87 80.42
C GLN A 255 35.38 -5.68 81.47
N ASP A 256 34.72 -5.00 82.42
CA ASP A 256 33.90 -5.69 83.41
C ASP A 256 32.53 -6.06 82.87
N GLN A 257 32.05 -5.22 81.96
CA GLN A 257 30.68 -5.26 81.46
C GLN A 257 29.66 -5.43 82.59
N LEU A 258 29.74 -4.54 83.60
CA LEU A 258 28.69 -4.44 84.60
C LEU A 258 27.40 -4.02 83.88
N SER A 259 26.25 -4.23 84.51
CA SER A 259 24.95 -4.13 83.82
C SER A 259 24.63 -2.77 83.16
N LEU A 260 24.06 -2.86 81.95
CA LEU A 260 23.80 -1.71 81.06
C LEU A 260 22.75 -0.73 81.62
N SER A 261 21.83 -1.23 82.44
CA SER A 261 20.79 -0.40 83.04
C SER A 261 21.30 0.31 84.30
N GLU A 262 22.33 -0.26 84.92
CA GLU A 262 23.01 0.42 86.04
C GLU A 262 23.76 1.64 85.52
N ALA A 263 24.23 1.56 84.28
CA ALA A 263 24.90 2.68 83.64
C ALA A 263 23.94 3.83 83.36
N LEU A 264 22.68 3.49 83.12
CA LEU A 264 21.62 4.46 82.90
C LEU A 264 21.50 5.38 84.12
N GLN A 265 21.70 4.80 85.30
CA GLN A 265 21.69 5.56 86.56
C GLN A 265 23.05 6.22 86.83
N ARG A 266 24.09 5.74 86.14
CA ARG A 266 25.43 6.34 86.24
C ARG A 266 25.55 7.67 85.47
N GLU A 267 24.76 7.81 84.42
CA GLU A 267 24.71 9.06 83.68
C GLU A 267 24.07 10.15 84.53
N LYS A 268 22.85 9.89 84.98
CA LYS A 268 22.07 10.89 85.70
C LYS A 268 22.79 11.47 86.93
N ILE A 269 23.68 10.71 87.56
CA ILE A 269 24.42 11.28 88.70
C ILE A 269 25.68 12.01 88.24
N PHE A 270 26.17 11.68 87.05
CA PHE A 270 27.30 12.41 86.48
C PHE A 270 26.87 13.82 86.12
N PHE A 271 25.65 13.93 85.60
CA PHE A 271 25.16 15.20 85.08
C PHE A 271 24.52 16.03 86.17
N GLU A 272 24.02 15.36 87.20
CA GLU A 272 23.39 16.07 88.30
C GLU A 272 24.44 16.76 89.16
N ASN A 273 25.62 16.15 89.23
CA ASN A 273 26.68 16.66 90.08
C ASN A 273 27.70 17.52 89.35
N HIS A 274 27.91 17.24 88.06
CA HIS A 274 28.85 18.02 87.25
C HIS A 274 28.45 19.50 87.24
N PRO A 275 29.40 20.39 87.56
CA PRO A 275 29.14 21.82 87.73
C PRO A 275 28.80 22.56 86.43
N TYR A 276 29.39 22.12 85.32
CA TYR A 276 29.14 22.76 84.03
C TYR A 276 27.96 22.15 83.30
N PHE A 277 27.79 20.84 83.47
CA PHE A 277 26.87 20.11 82.61
C PHE A 277 25.50 19.94 83.26
N ARG A 278 25.41 20.23 84.54
CA ARG A 278 24.14 20.23 85.26
C ARG A 278 23.20 21.21 84.60
N ASP A 279 23.76 22.29 84.05
CA ASP A 279 22.96 23.29 83.38
C ASP A 279 22.38 22.78 82.07
N LEU A 280 23.12 21.90 81.37
CA LEU A 280 22.63 21.35 80.10
C LEU A 280 21.50 20.33 80.29
N LEU A 281 21.52 19.63 81.42
CA LEU A 281 20.46 18.67 81.74
C LEU A 281 19.16 19.40 82.06
N GLU A 282 19.27 20.53 82.75
CA GLU A 282 18.09 21.34 83.02
C GLU A 282 17.48 21.81 81.70
N GLU A 283 18.32 21.89 80.66
CA GLU A 283 17.91 22.39 79.35
C GLU A 283 17.57 21.25 78.40
N GLY A 284 17.56 20.04 78.94
CA GLY A 284 17.15 18.85 78.21
C GLY A 284 18.04 18.57 77.01
N LYS A 285 19.35 18.64 77.20
CA LYS A 285 20.28 18.33 76.12
C LYS A 285 21.30 17.28 76.54
N ALA A 286 21.02 16.60 77.65
CA ALA A 286 21.93 15.57 78.15
C ALA A 286 21.21 14.26 78.45
N THR A 287 21.97 13.15 78.38
CA THR A 287 21.58 11.76 78.69
C THR A 287 20.96 10.96 77.53
N VAL A 288 21.11 9.65 77.62
CA VAL A 288 20.58 8.75 76.60
C VAL A 288 19.05 8.74 76.51
N PRO A 289 18.33 8.68 77.65
CA PRO A 289 16.86 8.68 77.52
C PRO A 289 16.39 9.94 76.82
N CYS A 290 17.04 11.05 77.10
CA CYS A 290 16.73 12.29 76.40
C CYS A 290 17.08 12.14 74.93
N LEU A 291 18.25 11.55 74.66
CA LEU A 291 18.72 11.34 73.30
C LEU A 291 17.73 10.51 72.50
N ALA A 292 17.24 9.44 73.11
CA ALA A 292 16.27 8.57 72.49
C ALA A 292 15.01 9.33 72.12
N GLU A 293 14.45 10.10 73.05
CA GLU A 293 13.21 10.84 72.76
C GLU A 293 13.38 11.81 71.60
N LYS A 294 14.51 12.49 71.59
CA LYS A 294 14.75 13.50 70.56
C LYS A 294 14.83 12.83 69.19
N LEU A 295 15.51 11.69 69.12
CA LEU A 295 15.74 11.01 67.86
C LEU A 295 14.42 10.55 67.25
N THR A 296 13.57 9.92 68.06
CA THR A 296 12.29 9.44 67.54
C THR A 296 11.42 10.64 67.20
N SER A 297 11.47 11.69 68.01
CA SER A 297 10.72 12.90 67.69
C SER A 297 11.14 13.46 66.33
N GLU A 298 12.45 13.44 66.08
CA GLU A 298 13.04 13.97 64.85
C GLU A 298 12.84 13.10 63.64
N LEU A 299 12.90 11.77 63.84
CA LEU A 299 12.66 10.81 62.77
C LEU A 299 11.24 10.96 62.21
N ILE A 300 10.25 10.92 63.11
CA ILE A 300 8.85 11.06 62.75
C ILE A 300 8.63 12.36 61.97
N THR A 301 9.21 13.44 62.49
CA THR A 301 9.06 14.75 61.89
C THR A 301 9.65 14.72 60.48
N HIS A 302 10.68 13.92 60.29
CA HIS A 302 11.34 13.83 59.00
C HIS A 302 10.47 13.06 58.01
N ILE A 303 10.14 11.83 58.37
CA ILE A 303 9.27 10.96 57.57
C ILE A 303 8.02 11.67 57.09
N CYS A 304 7.31 12.32 58.02
CA CYS A 304 6.12 13.09 57.71
C CYS A 304 6.40 14.22 56.74
N LYS A 305 7.47 14.96 56.98
CA LYS A 305 7.83 16.05 56.10
C LYS A 305 8.18 15.50 54.70
N SER A 306 8.78 14.30 54.66
CA SER A 306 9.33 13.76 53.41
C SER A 306 8.30 13.13 52.46
N LEU A 307 7.17 12.67 53.02
CA LEU A 307 6.23 11.86 52.24
C LEU A 307 5.81 12.42 50.87
N PRO A 308 5.29 13.66 50.79
CA PRO A 308 4.77 14.10 49.48
C PRO A 308 5.84 14.22 48.40
N LEU A 309 7.03 14.67 48.80
CA LEU A 309 8.18 14.82 47.90
C LEU A 309 8.67 13.45 47.51
N LEU A 310 8.27 12.43 48.28
CA LEU A 310 8.59 11.04 47.98
C LEU A 310 7.54 10.43 47.03
N GLU A 311 6.27 10.65 47.32
CA GLU A 311 5.25 10.13 46.43
C GLU A 311 5.40 10.81 45.07
N ASN A 312 5.98 12.00 45.08
CA ASN A 312 6.31 12.70 43.84
C ASN A 312 7.50 12.06 43.14
N GLN A 313 8.43 11.54 43.95
CA GLN A 313 9.65 10.90 43.45
C GLN A 313 9.39 9.50 42.88
N ILE A 314 8.51 8.72 43.50
CA ILE A 314 8.20 7.37 43.01
C ILE A 314 7.57 7.40 41.63
N LYS A 315 6.61 8.32 41.45
CA LYS A 315 5.90 8.44 40.17
C LYS A 315 6.88 8.60 39.01
N GLU A 316 7.82 9.52 39.19
CA GLU A 316 8.72 9.91 38.11
C GLU A 316 9.78 8.84 37.87
N THR A 317 10.12 8.12 38.93
CA THR A 317 11.02 6.97 38.80
C THR A 317 10.33 5.86 38.04
N HIS A 318 9.07 5.62 38.39
CA HIS A 318 8.23 4.61 37.72
C HIS A 318 8.24 4.90 36.22
N GLN A 319 8.01 6.16 35.89
CA GLN A 319 8.09 6.63 34.51
C GLN A 319 9.45 6.29 33.92
N ARG A 320 10.52 6.76 34.55
CA ARG A 320 11.88 6.55 34.05
C ARG A 320 12.12 5.08 33.76
N ILE A 321 11.71 4.20 34.66
CA ILE A 321 11.89 2.78 34.41
C ILE A 321 11.00 2.29 33.27
N THR A 322 9.73 2.70 33.27
CA THR A 322 8.83 2.29 32.19
C THR A 322 9.23 2.87 30.84
N GLU A 323 9.79 4.06 30.80
CA GLU A 323 10.23 4.61 29.53
C GLU A 323 11.40 3.78 29.04
N GLU A 324 12.34 3.54 29.93
CA GLU A 324 13.53 2.77 29.59
C GLU A 324 13.23 1.30 29.35
N LEU A 325 12.14 0.82 29.93
CA LEU A 325 11.72 -0.55 29.71
C LEU A 325 11.20 -0.76 28.27
N GLN A 326 10.75 0.33 27.65
CA GLN A 326 10.16 0.24 26.32
C GLN A 326 11.16 -0.15 25.26
N LYS A 327 12.40 0.29 25.47
CA LYS A 327 13.45 0.13 24.46
C LYS A 327 13.87 -1.32 24.29
N TYR A 328 13.49 -2.17 25.23
CA TYR A 328 13.94 -3.56 25.23
C TYR A 328 12.78 -4.51 24.92
N GLY A 329 11.89 -4.03 24.04
CA GLY A 329 10.86 -4.88 23.48
C GLY A 329 9.88 -5.32 24.54
N VAL A 330 9.31 -6.50 24.32
CA VAL A 330 8.31 -7.08 25.23
C VAL A 330 8.66 -8.52 25.55
N ASP A 331 7.93 -9.11 26.48
CA ASP A 331 8.12 -10.50 26.83
C ASP A 331 7.60 -11.43 25.77
N ILE A 332 8.16 -12.63 25.74
CA ILE A 332 7.68 -13.70 24.87
C ILE A 332 6.64 -14.51 25.66
N PRO A 333 5.40 -14.56 25.16
CA PRO A 333 4.23 -15.19 25.78
C PRO A 333 4.43 -16.66 26.13
N GLU A 334 3.89 -17.08 27.28
CA GLU A 334 3.97 -18.46 27.69
C GLU A 334 3.02 -19.32 26.87
N ASP A 335 1.85 -18.77 26.60
CA ASP A 335 0.80 -19.51 25.92
C ASP A 335 1.15 -19.81 24.46
N GLU A 336 0.92 -21.04 24.04
CA GLU A 336 1.26 -21.47 22.68
C GLU A 336 0.59 -20.61 21.63
N ASN A 337 -0.68 -20.29 21.85
CA ASN A 337 -1.43 -19.52 20.87
C ASN A 337 -0.98 -18.07 20.77
N GLU A 338 -0.79 -17.44 21.93
CA GLU A 338 -0.20 -16.12 22.03
C GLU A 338 1.21 -16.14 21.42
N LYS A 339 1.92 -17.26 21.55
CA LYS A 339 3.22 -17.38 20.86
C LYS A 339 3.04 -17.22 19.36
N MET A 340 2.05 -17.90 18.80
CA MET A 340 1.76 -17.88 17.36
C MET A 340 1.43 -16.47 16.88
N PHE A 341 0.58 -15.77 17.61
CA PHE A 341 0.23 -14.41 17.23
C PHE A 341 1.44 -13.47 17.28
N PHE A 342 2.33 -13.69 18.25
CA PHE A 342 3.54 -12.90 18.43
C PHE A 342 4.44 -13.04 17.22
N LEU A 343 4.70 -14.30 16.86
CA LEU A 343 5.54 -14.60 15.72
C LEU A 343 4.93 -14.08 14.43
N SER A 344 3.62 -14.23 14.29
CA SER A 344 2.92 -13.80 13.09
C SER A 344 3.04 -12.29 12.90
N ASP A 345 2.93 -11.54 13.99
CA ASP A 345 3.05 -10.09 13.92
C ASP A 345 4.45 -9.70 13.46
N LYS A 346 5.46 -10.40 13.97
CA LYS A 346 6.84 -10.14 13.58
C LYS A 346 7.03 -10.44 12.09
N ILE A 347 6.39 -11.52 11.63
CA ILE A 347 6.45 -11.89 10.22
C ILE A 347 5.81 -10.81 9.34
N ASN A 348 4.70 -10.25 9.82
CA ASN A 348 3.97 -9.25 9.06
C ASN A 348 4.78 -7.99 8.79
N ALA A 349 5.54 -7.55 9.78
CA ALA A 349 6.34 -6.33 9.64
C ALA A 349 7.59 -6.56 8.76
N PHE A 350 8.21 -7.71 8.90
CA PHE A 350 9.18 -8.09 7.92
C PHE A 350 8.56 -8.08 6.54
N ASN A 351 7.43 -8.78 6.39
CA ASN A 351 6.75 -8.87 5.09
C ASN A 351 6.32 -7.52 4.54
N GLN A 352 6.03 -6.56 5.40
CA GLN A 352 5.65 -5.27 4.86
C GLN A 352 6.89 -4.50 4.41
N ASP A 353 7.99 -4.59 5.15
CA ASP A 353 9.25 -3.94 4.75
C ASP A 353 9.75 -4.49 3.41
N ILE A 354 9.65 -5.81 3.22
CA ILE A 354 9.86 -6.43 1.92
C ILE A 354 8.92 -5.82 0.86
N THR A 355 7.62 -5.76 1.14
CA THR A 355 6.69 -5.16 0.21
C THR A 355 7.10 -3.77 -0.25
N ALA A 356 7.58 -2.94 0.67
CA ALA A 356 7.87 -1.55 0.30
C ALA A 356 8.92 -1.53 -0.80
N LEU A 357 9.93 -2.38 -0.67
CA LEU A 357 10.94 -2.59 -1.70
C LEU A 357 10.37 -2.93 -3.06
N MET A 358 9.38 -3.81 -3.07
CA MET A 358 8.77 -4.27 -4.30
C MET A 358 8.04 -3.13 -5.01
N GLN A 359 7.70 -2.10 -4.26
CA GLN A 359 6.87 -1.05 -4.83
C GLN A 359 7.58 0.29 -4.90
N GLY A 360 8.85 0.32 -4.50
CA GLY A 360 9.59 1.57 -4.46
C GLY A 360 8.89 2.53 -3.55
N GLU A 361 8.44 2.04 -2.40
CA GLU A 361 7.74 2.87 -1.44
C GLU A 361 8.49 3.08 -0.12
N GLU A 362 9.54 2.28 0.12
CA GLU A 362 10.22 2.25 1.41
C GLU A 362 10.85 3.60 1.78
N THR A 363 10.88 3.88 3.08
CA THR A 363 11.34 5.17 3.58
C THR A 363 12.87 5.19 3.58
N VAL A 364 13.44 6.26 3.01
CA VAL A 364 14.89 6.37 2.79
C VAL A 364 15.53 7.69 3.15
N GLY A 365 16.86 7.66 3.21
CA GLY A 365 17.65 8.81 3.58
C GLY A 365 17.59 9.89 2.53
N GLU A 366 18.15 11.05 2.87
CA GLU A 366 17.98 12.23 2.06
C GLU A 366 18.82 12.12 0.77
N GLU A 367 19.95 11.43 0.87
CA GLU A 367 20.88 11.28 -0.24
C GLU A 367 20.69 10.01 -1.04
N ASP A 368 20.34 8.93 -0.34
CA ASP A 368 20.22 7.65 -1.00
C ASP A 368 18.92 7.57 -1.76
N ILE A 369 18.76 6.48 -2.51
CA ILE A 369 17.57 6.28 -3.29
C ILE A 369 17.00 4.88 -3.15
N ARG A 370 15.73 4.75 -3.53
CA ARG A 370 15.01 3.51 -3.33
C ARG A 370 15.48 2.43 -4.32
N LEU A 371 15.39 1.20 -3.88
CA LEU A 371 15.88 0.09 -4.68
C LEU A 371 15.25 0.04 -6.08
N PHE A 372 13.98 0.36 -6.16
CA PHE A 372 13.30 0.38 -7.45
C PHE A 372 14.04 1.35 -8.39
N THR A 373 14.36 2.53 -7.87
CA THR A 373 15.04 3.56 -8.65
C THR A 373 16.43 3.07 -9.07
N ARG A 374 17.15 2.44 -8.15
CA ARG A 374 18.45 1.93 -8.49
C ARG A 374 18.35 0.94 -9.64
N LEU A 375 17.27 0.16 -9.69
CA LEU A 375 17.04 -0.77 -10.80
C LEU A 375 16.60 -0.01 -12.05
N ARG A 376 15.98 1.15 -11.88
CA ARG A 376 15.66 1.93 -13.07
C ARG A 376 16.96 2.45 -13.69
N HIS A 377 17.93 2.83 -12.86
CA HIS A 377 19.22 3.26 -13.42
C HIS A 377 19.98 2.12 -14.06
N GLU A 378 19.77 0.88 -13.63
CA GLU A 378 20.49 -0.22 -14.29
C GLU A 378 19.88 -0.37 -15.65
N PHE A 379 18.57 -0.18 -15.66
CA PHE A 379 17.78 -0.38 -16.84
C PHE A 379 18.04 0.71 -17.85
N HIS A 380 18.37 1.90 -17.38
CA HIS A 380 18.79 2.96 -18.29
C HIS A 380 20.15 2.67 -18.94
N LYS A 381 21.09 2.17 -18.15
CA LYS A 381 22.38 1.73 -18.66
C LYS A 381 22.20 0.68 -19.74
N TRP A 382 21.22 -0.18 -19.53
CA TRP A 382 20.90 -1.24 -20.46
C TRP A 382 20.38 -0.74 -21.79
N SER A 383 19.58 0.32 -21.76
CA SER A 383 19.04 0.86 -22.97
C SER A 383 20.19 1.44 -23.80
N THR A 384 21.15 2.09 -23.12
CA THR A 384 22.32 2.63 -23.77
C THR A 384 23.10 1.53 -24.45
N ILE A 385 23.17 0.37 -23.82
CA ILE A 385 23.86 -0.78 -24.39
C ILE A 385 23.19 -1.16 -25.70
N ILE A 386 21.85 -1.14 -25.72
CA ILE A 386 21.06 -1.44 -26.93
C ILE A 386 21.32 -0.39 -28.01
N GLU A 387 21.43 0.85 -27.57
CA GLU A 387 21.62 1.95 -28.48
C GLU A 387 22.98 1.86 -29.15
N ASN A 388 24.01 1.62 -28.34
CA ASN A 388 25.34 1.42 -28.83
C ASN A 388 25.42 0.17 -29.69
N ASN A 389 24.74 -0.89 -29.31
CA ASN A 389 24.78 -2.10 -30.11
C ASN A 389 24.13 -1.87 -31.45
N PHE A 390 23.05 -1.09 -31.45
CA PHE A 390 22.29 -0.80 -32.65
C PHE A 390 23.14 -0.05 -33.70
N GLN A 391 23.75 1.03 -33.27
CA GLN A 391 24.52 1.82 -34.19
C GLN A 391 25.80 1.16 -34.61
N GLU A 392 26.49 0.51 -33.69
CA GLU A 392 27.70 -0.18 -34.10
C GLU A 392 27.38 -1.25 -35.14
N GLY A 393 26.20 -1.86 -35.04
CA GLY A 393 25.72 -2.83 -36.01
C GLY A 393 25.42 -2.14 -37.32
N HIS A 394 24.99 -0.89 -37.25
CA HIS A 394 24.78 -0.06 -38.42
C HIS A 394 26.10 0.15 -39.16
N LYS A 395 27.13 0.48 -38.39
CA LYS A 395 28.46 0.70 -38.95
C LYS A 395 29.03 -0.61 -39.50
N ILE A 396 28.79 -1.70 -38.77
CA ILE A 396 29.29 -3.01 -39.17
C ILE A 396 28.61 -3.52 -40.42
N LEU A 397 27.33 -3.21 -40.60
CA LEU A 397 26.62 -3.67 -41.78
C LEU A 397 27.01 -2.87 -43.03
N SER A 398 27.20 -1.55 -42.91
CA SER A 398 27.62 -0.75 -44.08
C SER A 398 29.00 -1.17 -44.53
N ARG A 399 29.80 -1.69 -43.61
CA ARG A 399 31.13 -2.20 -43.93
C ARG A 399 31.09 -3.59 -44.56
N LYS A 400 29.91 -4.11 -44.88
CA LYS A 400 29.83 -5.41 -45.53
C LYS A 400 29.00 -5.34 -46.83
N ILE A 401 28.06 -4.40 -46.87
CA ILE A 401 27.22 -4.16 -48.03
C ILE A 401 27.95 -3.45 -49.17
N GLN A 402 28.81 -2.49 -48.82
CA GLN A 402 29.63 -1.84 -49.82
C GLN A 402 31.01 -2.50 -49.80
N LYS A 403 31.00 -3.81 -49.51
CA LYS A 403 32.17 -4.68 -49.64
C LYS A 403 31.88 -5.66 -50.81
N PHE A 404 30.87 -5.32 -51.62
CA PHE A 404 30.40 -6.12 -52.77
C PHE A 404 30.45 -7.64 -52.51
N TYR A 419 21.93 -13.17 -49.95
CA TYR A 419 21.34 -12.24 -48.98
C TYR A 419 21.59 -12.67 -47.54
N ARG A 420 21.36 -13.95 -47.26
CA ARG A 420 21.28 -14.48 -45.90
C ARG A 420 22.61 -14.37 -45.16
N THR A 421 23.66 -14.01 -45.89
CA THR A 421 24.95 -13.63 -45.33
C THR A 421 24.84 -12.37 -44.48
N PHE A 422 23.91 -11.50 -44.87
CA PHE A 422 23.71 -10.23 -44.20
C PHE A 422 22.71 -10.33 -43.08
N GLU A 423 21.81 -11.31 -43.17
CA GLU A 423 20.86 -11.64 -42.12
C GLU A 423 21.59 -12.16 -40.89
N THR A 424 22.51 -13.08 -41.14
CA THR A 424 23.36 -13.67 -40.13
C THR A 424 24.11 -12.59 -39.33
N ILE A 425 24.57 -11.56 -40.03
CA ILE A 425 25.39 -10.52 -39.42
C ILE A 425 24.58 -9.70 -38.42
N VAL A 426 23.32 -9.44 -38.74
CA VAL A 426 22.43 -8.72 -37.82
C VAL A 426 22.10 -9.61 -36.63
N LYS A 427 21.99 -10.91 -36.90
CA LYS A 427 21.68 -11.86 -35.88
C LYS A 427 22.80 -11.90 -34.88
N GLN A 428 24.05 -11.90 -35.37
CA GLN A 428 25.18 -11.88 -34.45
C GLN A 428 25.25 -10.58 -33.65
N GLN A 429 24.90 -9.47 -34.27
CA GLN A 429 24.85 -8.20 -33.54
C GLN A 429 23.84 -8.26 -32.39
N ILE A 430 22.75 -8.99 -32.63
CA ILE A 430 21.73 -9.14 -31.60
C ILE A 430 22.27 -10.10 -30.54
N LYS A 431 22.83 -11.26 -30.93
CA LYS A 431 23.28 -12.22 -29.91
C LYS A 431 24.29 -11.66 -28.93
N ALA A 432 25.04 -10.66 -29.36
CA ALA A 432 26.08 -10.06 -28.52
C ALA A 432 25.52 -9.43 -27.26
N LEU A 433 24.21 -9.18 -27.25
CA LEU A 433 23.59 -8.54 -26.11
C LEU A 433 23.31 -9.58 -25.01
N GLU A 434 23.37 -10.86 -25.35
CA GLU A 434 23.04 -11.92 -24.40
C GLU A 434 23.83 -11.78 -23.09
N GLU A 435 25.13 -11.53 -23.15
CA GLU A 435 25.87 -11.41 -21.90
C GLU A 435 25.61 -10.11 -21.12
N PRO A 436 25.61 -8.96 -21.80
CA PRO A 436 25.12 -7.80 -21.04
C PRO A 436 23.81 -8.08 -20.31
N ALA A 437 22.90 -8.80 -20.96
CA ALA A 437 21.65 -9.12 -20.30
C ALA A 437 21.84 -9.98 -19.08
N VAL A 438 22.60 -11.05 -19.19
CA VAL A 438 22.76 -11.95 -18.04
C VAL A 438 23.55 -11.27 -16.91
N ASP A 439 24.55 -10.49 -17.25
CA ASP A 439 25.25 -9.72 -16.22
C ASP A 439 24.27 -8.84 -15.48
N MET A 440 23.36 -8.22 -16.20
CA MET A 440 22.40 -7.33 -15.58
C MET A 440 21.48 -8.10 -14.64
N LEU A 441 21.13 -9.31 -15.03
CA LEU A 441 20.37 -10.18 -14.18
C LEU A 441 21.11 -10.32 -12.86
N HIS A 442 22.39 -10.67 -12.96
CA HIS A 442 23.21 -10.92 -11.77
C HIS A 442 23.39 -9.67 -10.96
N THR A 443 23.60 -8.57 -11.64
CA THR A 443 23.84 -7.31 -11.00
C THR A 443 22.62 -6.90 -10.22
N VAL A 444 21.42 -7.11 -10.79
CA VAL A 444 20.18 -6.81 -10.06
C VAL A 444 19.84 -7.80 -8.95
N THR A 445 20.08 -9.11 -9.09
CA THR A 445 19.70 -9.96 -7.98
C THR A 445 20.56 -9.51 -6.80
N ASP A 446 21.80 -9.12 -7.09
CA ASP A 446 22.70 -8.79 -6.00
C ASP A 446 22.12 -7.60 -5.25
N MET A 447 21.66 -6.60 -5.96
CA MET A 447 21.04 -5.46 -5.29
C MET A 447 19.89 -5.92 -4.35
N VAL A 448 19.00 -6.77 -4.83
CA VAL A 448 17.78 -7.16 -4.10
C VAL A 448 18.09 -8.03 -2.86
N ARG A 449 18.91 -9.05 -3.06
CA ARG A 449 19.48 -9.82 -1.98
C ARG A 449 20.03 -8.92 -0.87
N LEU A 450 20.77 -7.91 -1.27
CA LEU A 450 21.36 -6.98 -0.32
C LEU A 450 20.25 -6.25 0.41
N ALA A 451 19.21 -5.91 -0.34
CA ALA A 451 18.09 -5.18 0.21
C ALA A 451 17.32 -6.06 1.17
N PHE A 452 17.10 -7.30 0.75
CA PHE A 452 16.27 -8.19 1.53
C PHE A 452 16.95 -8.54 2.81
N THR A 453 18.24 -8.83 2.75
CA THR A 453 18.99 -9.15 3.95
C THR A 453 19.05 -7.92 4.89
N ASP A 454 19.16 -6.72 4.33
CA ASP A 454 19.17 -5.53 5.18
C ASP A 454 17.83 -5.36 5.91
N VAL A 455 16.73 -5.85 5.33
CA VAL A 455 15.46 -5.87 6.04
C VAL A 455 15.47 -6.93 7.14
N SER A 456 15.95 -8.12 6.80
CA SER A 456 16.07 -9.17 7.80
C SER A 456 16.92 -8.71 8.99
N ILE A 457 17.99 -7.95 8.75
CA ILE A 457 18.72 -7.38 9.88
C ILE A 457 17.83 -6.51 10.76
N LYS A 458 17.19 -5.49 10.17
CA LYS A 458 16.41 -4.52 10.96
C LYS A 458 15.31 -5.15 11.78
N ASN A 459 14.68 -6.18 11.24
CA ASN A 459 13.61 -6.89 11.92
C ASN A 459 14.05 -7.97 12.92
N PHE A 460 15.07 -8.74 12.57
CA PHE A 460 15.29 -9.95 13.32
C PHE A 460 16.64 -10.05 14.00
N GLU A 461 17.36 -8.93 14.21
CA GLU A 461 18.64 -9.01 14.95
C GLU A 461 18.50 -9.63 16.33
N GLU A 462 17.47 -9.25 17.08
CA GLU A 462 17.30 -9.75 18.44
C GLU A 462 16.82 -11.21 18.41
N PHE A 463 16.28 -11.65 17.28
CA PHE A 463 15.81 -13.04 17.12
C PHE A 463 16.64 -13.75 16.08
N PHE A 464 17.75 -14.30 16.51
CA PHE A 464 18.79 -14.69 15.58
C PHE A 464 18.38 -15.88 14.73
N ASN A 465 17.55 -16.77 15.25
CA ASN A 465 17.09 -17.90 14.45
C ASN A 465 16.08 -17.46 13.41
N LEU A 466 15.28 -16.46 13.77
CA LEU A 466 14.36 -15.87 12.84
C LEU A 466 15.18 -15.26 11.72
N HIS A 467 16.24 -14.56 12.09
CA HIS A 467 17.16 -13.98 11.12
C HIS A 467 17.90 -15.05 10.34
N ARG A 468 18.32 -16.11 11.01
CA ARG A 468 19.03 -17.19 10.35
C ARG A 468 18.13 -17.81 9.30
N THR A 469 16.92 -18.13 9.70
CA THR A 469 15.92 -18.72 8.80
C THR A 469 15.61 -17.75 7.64
N ALA A 470 15.41 -16.48 7.93
CA ALA A 470 15.08 -15.54 6.86
C ALA A 470 16.21 -15.52 5.83
N LYS A 471 17.45 -15.39 6.29
CA LYS A 471 18.61 -15.39 5.41
C LYS A 471 18.59 -16.62 4.54
N SER A 472 18.38 -17.75 5.17
CA SER A 472 18.36 -19.00 4.45
C SER A 472 17.34 -18.99 3.32
N LYS A 473 16.14 -18.52 3.58
CA LYS A 473 15.18 -18.42 2.49
C LYS A 473 15.65 -17.42 1.42
N ILE A 474 16.06 -16.24 1.86
CA ILE A 474 16.63 -15.23 0.98
C ILE A 474 17.68 -15.82 0.02
N GLU A 475 18.50 -16.72 0.52
CA GLU A 475 19.48 -17.33 -0.33
C GLU A 475 18.82 -18.39 -1.22
N ASP A 476 17.89 -19.14 -0.65
CA ASP A 476 17.32 -20.27 -1.38
C ASP A 476 16.47 -19.79 -2.51
N ILE A 477 15.75 -18.71 -2.30
CA ILE A 477 14.87 -18.23 -3.32
C ILE A 477 15.69 -17.44 -4.36
N ARG A 478 16.77 -16.76 -3.96
CA ARG A 478 17.70 -16.22 -4.98
C ARG A 478 18.16 -17.28 -5.97
N ALA A 479 18.78 -18.36 -5.50
CA ALA A 479 19.25 -19.40 -6.39
C ALA A 479 18.16 -19.85 -7.39
N GLU A 480 16.93 -20.02 -6.92
CA GLU A 480 15.81 -20.51 -7.73
C GLU A 480 15.32 -19.45 -8.74
N GLN A 481 15.01 -18.25 -8.25
CA GLN A 481 14.53 -17.26 -9.18
C GLN A 481 15.59 -16.87 -10.21
N GLU A 482 16.81 -16.68 -9.75
CA GLU A 482 17.83 -16.31 -10.70
C GLU A 482 18.01 -17.37 -11.76
N ARG A 483 17.80 -18.64 -11.40
CA ARG A 483 18.00 -19.70 -12.39
C ARG A 483 16.95 -19.55 -13.48
N GLU A 484 15.74 -19.22 -13.05
CA GLU A 484 14.62 -19.20 -13.94
C GLU A 484 14.77 -18.04 -14.89
N GLY A 485 15.23 -16.92 -14.34
CA GLY A 485 15.45 -15.72 -15.09
C GLY A 485 16.50 -15.91 -16.13
N GLU A 486 17.58 -16.64 -15.82
CA GLU A 486 18.63 -16.81 -16.81
C GLU A 486 18.06 -17.64 -17.94
N LYS A 487 17.43 -18.75 -17.61
CA LYS A 487 16.71 -19.57 -18.57
C LYS A 487 15.93 -18.77 -19.57
N LEU A 488 15.14 -17.82 -19.12
CA LEU A 488 14.26 -17.12 -20.05
C LEU A 488 15.06 -16.14 -20.86
N ILE A 489 16.05 -15.53 -20.24
CA ILE A 489 16.94 -14.62 -20.95
C ILE A 489 17.73 -15.38 -21.97
N ARG A 490 18.43 -16.40 -21.56
CA ARG A 490 19.18 -17.20 -22.51
C ARG A 490 18.32 -17.72 -23.66
N LEU A 491 17.13 -18.23 -23.35
CA LEU A 491 16.29 -18.82 -24.39
C LEU A 491 15.75 -17.71 -25.30
N HIS A 492 15.71 -16.51 -24.78
CA HIS A 492 15.25 -15.43 -25.60
C HIS A 492 16.20 -15.24 -26.79
N PHE A 493 17.43 -15.71 -26.66
CA PHE A 493 18.41 -15.48 -27.72
C PHE A 493 18.60 -16.72 -28.61
N GLN A 494 17.68 -17.67 -28.50
CA GLN A 494 17.54 -18.82 -29.40
C GLN A 494 16.26 -18.60 -30.18
N ASP A 495 15.28 -18.00 -29.50
CA ASP A 495 13.97 -17.66 -30.05
C ASP A 495 14.21 -16.65 -31.17
N GLU A 496 15.32 -15.91 -31.08
CA GLU A 496 15.59 -14.77 -31.96
C GLU A 496 16.06 -15.09 -33.37
N GLN A 497 16.67 -16.25 -33.56
CA GLN A 497 16.94 -16.69 -34.92
C GLN A 497 15.60 -17.13 -35.55
N ILE A 498 15.05 -16.24 -36.38
CA ILE A 498 13.75 -16.38 -37.04
C ILE A 498 13.79 -15.91 -38.51
N GLU A 514 20.68 -1.74 -51.41
CA GLU A 514 20.46 -0.99 -50.17
C GLU A 514 19.06 -1.25 -49.58
N GLU A 515 18.13 -1.76 -50.39
CA GLU A 515 16.83 -2.18 -49.86
C GLU A 515 17.03 -3.29 -48.85
N ILE A 516 18.20 -3.93 -48.93
CA ILE A 516 18.60 -4.97 -47.98
C ILE A 516 19.21 -4.35 -46.71
N PHE A 517 20.05 -3.32 -46.87
CA PHE A 517 20.57 -2.56 -45.72
C PHE A 517 19.40 -2.18 -44.79
N GLN A 518 18.44 -1.44 -45.35
CA GLN A 518 17.25 -1.02 -44.62
C GLN A 518 16.45 -2.16 -44.00
N HIS A 519 16.14 -3.19 -44.78
CA HIS A 519 15.33 -4.30 -44.23
C HIS A 519 16.01 -4.96 -43.03
N LEU A 520 17.32 -5.13 -43.13
CA LEU A 520 18.05 -5.73 -42.04
C LEU A 520 18.13 -4.76 -40.88
N MET A 521 18.47 -3.51 -41.20
CA MET A 521 18.57 -2.47 -40.17
C MET A 521 17.22 -2.21 -39.48
N ALA A 522 16.12 -2.37 -40.22
CA ALA A 522 14.80 -2.19 -39.62
C ALA A 522 14.45 -3.41 -38.79
N TYR A 523 14.84 -4.58 -39.30
CA TYR A 523 14.73 -5.84 -38.58
C TYR A 523 15.52 -5.69 -37.30
N HIS A 524 16.70 -5.07 -37.42
CA HIS A 524 17.59 -4.88 -36.29
C HIS A 524 16.97 -3.96 -35.22
N GLN A 525 16.16 -2.99 -35.62
CA GLN A 525 15.56 -2.14 -34.62
C GLN A 525 14.46 -2.89 -33.89
N GLU A 526 13.74 -3.75 -34.60
CA GLU A 526 12.63 -4.47 -33.98
C GLU A 526 13.17 -5.38 -32.91
N ALA A 527 14.11 -6.22 -33.29
CA ALA A 527 14.75 -7.16 -32.38
C ALA A 527 15.25 -6.49 -31.11
N SER A 528 15.92 -5.36 -31.26
CA SER A 528 16.45 -4.64 -30.11
C SER A 528 15.37 -4.18 -29.15
N LYS A 529 14.27 -3.66 -29.69
CA LYS A 529 13.15 -3.20 -28.89
C LYS A 529 12.54 -4.33 -28.13
N ARG A 530 12.40 -5.46 -28.80
CA ARG A 530 11.88 -6.65 -28.19
C ARG A 530 12.78 -6.91 -26.98
N ILE A 531 14.07 -7.05 -27.26
CA ILE A 531 15.06 -7.28 -26.24
C ILE A 531 15.15 -6.14 -25.23
N SER A 532 15.11 -4.91 -25.67
CA SER A 532 15.23 -3.85 -24.69
C SER A 532 14.07 -3.81 -23.72
N SER A 533 12.97 -4.47 -24.05
CA SER A 533 11.79 -4.38 -23.23
C SER A 533 11.70 -5.56 -22.33
N HIS A 534 11.91 -6.75 -22.92
CA HIS A 534 11.64 -8.00 -22.20
C HIS A 534 12.62 -8.31 -21.14
N ILE A 535 13.88 -8.00 -21.43
CA ILE A 535 14.94 -8.40 -20.51
C ILE A 535 14.72 -7.76 -19.16
N PRO A 536 14.54 -6.41 -19.10
CA PRO A 536 14.28 -5.87 -17.75
C PRO A 536 13.01 -6.45 -17.13
N LEU A 537 11.94 -6.63 -17.91
CA LEU A 537 10.67 -7.15 -17.37
C LEU A 537 10.84 -8.51 -16.74
N ILE A 538 11.63 -9.38 -17.35
CA ILE A 538 11.95 -10.70 -16.80
C ILE A 538 12.79 -10.60 -15.51
N ILE A 539 13.81 -9.77 -15.57
CA ILE A 539 14.59 -9.50 -14.42
C ILE A 539 13.70 -8.98 -13.34
N GLN A 540 12.90 -7.97 -13.60
CA GLN A 540 12.02 -7.41 -12.57
C GLN A 540 11.01 -8.49 -12.10
N PHE A 541 10.47 -9.26 -13.02
CA PHE A 541 9.52 -10.31 -12.69
C PHE A 541 10.05 -11.34 -11.74
N PHE A 542 11.20 -11.91 -12.08
CA PHE A 542 11.74 -12.97 -11.23
C PHE A 542 12.48 -12.47 -10.01
N MET A 543 13.28 -11.42 -10.11
CA MET A 543 14.29 -11.09 -9.06
C MET A 543 13.77 -10.01 -8.15
N LEU A 544 12.62 -9.44 -8.48
CA LEU A 544 12.07 -8.51 -7.53
C LEU A 544 10.66 -9.00 -7.17
N GLN A 545 9.74 -9.20 -8.13
CA GLN A 545 8.37 -9.59 -7.77
C GLN A 545 8.23 -11.00 -7.32
N THR A 546 8.69 -11.97 -8.11
CA THR A 546 8.46 -13.32 -7.65
C THR A 546 9.30 -13.60 -6.40
N TYR A 547 10.54 -13.12 -6.40
CA TYR A 547 11.45 -13.25 -5.26
C TYR A 547 10.81 -12.75 -3.97
N GLY A 548 10.37 -11.49 -3.93
CA GLY A 548 9.76 -10.95 -2.73
C GLY A 548 8.52 -11.76 -2.37
N GLN A 549 7.63 -11.95 -3.31
CA GLN A 549 6.47 -12.81 -3.11
C GLN A 549 6.71 -14.10 -2.32
N GLN A 550 7.62 -14.91 -2.82
CA GLN A 550 7.84 -16.26 -2.32
C GLN A 550 8.39 -16.26 -0.92
N LEU A 551 9.19 -15.24 -0.65
CA LEU A 551 9.89 -15.05 0.60
C LEU A 551 8.87 -14.74 1.64
N GLN A 552 7.95 -13.84 1.30
CA GLN A 552 6.90 -13.49 2.20
C GLN A 552 6.04 -14.72 2.48
N SER A 553 5.74 -15.51 1.45
CA SER A 553 4.94 -16.73 1.64
C SER A 553 5.68 -17.65 2.57
N ALA A 554 6.96 -17.81 2.34
CA ALA A 554 7.81 -18.70 3.11
C ALA A 554 7.87 -18.31 4.54
N MET A 555 8.01 -17.01 4.79
CA MET A 555 8.06 -16.54 6.17
C MET A 555 6.72 -16.73 6.87
N SER A 556 5.63 -16.36 6.21
CA SER A 556 4.31 -16.48 6.77
C SER A 556 3.93 -17.92 7.13
N GLN A 557 4.52 -18.89 6.46
CA GLN A 557 4.23 -20.27 6.80
C GLN A 557 4.90 -20.71 8.13
N LEU A 558 5.84 -19.93 8.65
CA LEU A 558 6.50 -20.32 9.90
C LEU A 558 5.50 -20.41 11.04
N SER A 559 4.43 -19.64 10.95
CA SER A 559 3.45 -19.58 12.02
C SER A 559 2.60 -20.86 12.12
N GLN A 560 2.65 -21.70 11.08
CA GLN A 560 1.90 -22.97 11.14
C GLN A 560 2.61 -24.04 11.98
N ASP A 561 3.93 -23.92 12.13
CA ASP A 561 4.74 -24.98 12.74
C ASP A 561 5.13 -24.71 14.18
N LYS A 562 4.20 -25.10 15.04
CA LYS A 562 4.20 -24.78 16.44
C LYS A 562 5.42 -25.27 17.22
N ASP A 563 5.99 -26.39 16.80
CA ASP A 563 7.06 -27.00 17.59
C ASP A 563 8.42 -26.38 17.28
N THR A 564 8.39 -25.33 16.47
CA THR A 564 9.59 -24.57 16.15
C THR A 564 9.54 -23.19 16.81
N TYR A 565 8.38 -22.84 17.37
CA TYR A 565 8.21 -21.54 18.02
C TYR A 565 9.29 -21.30 19.03
N SER A 566 9.53 -22.35 19.84
CA SER A 566 10.51 -22.27 20.93
C SER A 566 11.88 -21.91 20.40
N TRP A 567 12.25 -22.48 19.27
CA TRP A 567 13.52 -22.17 18.62
C TRP A 567 13.51 -20.76 17.98
N LEU A 568 12.60 -20.52 17.04
CA LEU A 568 12.48 -19.22 16.35
C LEU A 568 12.44 -18.01 17.27
N LEU A 569 11.76 -18.14 18.40
CA LEU A 569 11.57 -16.96 19.21
C LEU A 569 12.69 -16.81 20.23
N LYS A 570 13.69 -17.69 20.16
CA LYS A 570 14.85 -17.54 21.01
C LYS A 570 15.53 -16.23 20.69
N GLU A 571 15.72 -15.40 21.70
CA GLU A 571 16.26 -14.07 21.55
C GLU A 571 17.59 -13.87 22.29
N ARG A 572 18.26 -12.79 21.94
CA ARG A 572 19.58 -12.46 22.48
C ARG A 572 19.52 -12.40 24.00
N SER A 573 20.45 -13.05 24.69
CA SER A 573 20.42 -13.10 26.16
C SER A 573 20.73 -11.75 26.79
N ASP A 574 21.53 -10.94 26.09
CA ASP A 574 21.88 -9.61 26.59
C ASP A 574 20.63 -8.77 26.87
N THR A 575 19.79 -8.55 25.87
CA THR A 575 18.62 -7.69 26.07
C THR A 575 17.53 -8.49 26.78
N SER A 576 17.58 -9.81 26.63
CA SER A 576 16.66 -10.68 27.35
C SER A 576 16.86 -10.53 28.86
N ASP A 577 18.11 -10.50 29.30
CA ASP A 577 18.44 -10.21 30.71
C ASP A 577 18.12 -8.78 31.13
N LYS A 578 18.52 -7.80 30.33
CA LYS A 578 18.26 -6.39 30.62
C LYS A 578 16.80 -6.13 30.93
N ARG A 579 15.91 -6.71 30.13
CA ARG A 579 14.48 -6.62 30.41
C ARG A 579 14.11 -7.28 31.73
N LYS A 580 14.67 -8.45 31.99
CA LYS A 580 14.36 -9.20 33.22
C LYS A 580 14.66 -8.38 34.48
N PHE A 581 15.81 -7.69 34.52
CA PHE A 581 16.19 -6.88 35.67
C PHE A 581 15.25 -5.70 35.87
N LEU A 582 14.95 -4.99 34.79
CA LEU A 582 14.04 -3.86 34.83
C LEU A 582 12.66 -4.22 35.34
N LYS A 583 12.15 -5.37 34.91
CA LYS A 583 10.81 -5.81 35.32
C LYS A 583 10.80 -6.06 36.82
N GLU A 584 11.93 -6.50 37.34
CA GLU A 584 12.08 -6.80 38.74
C GLU A 584 12.16 -5.49 39.50
N ARG A 585 12.91 -4.55 38.95
CA ARG A 585 13.09 -3.22 39.55
C ARG A 585 11.77 -2.49 39.59
N LEU A 586 11.04 -2.59 38.48
CA LEU A 586 9.74 -1.96 38.34
C LEU A 586 8.70 -2.61 39.25
N ALA A 587 8.88 -3.90 39.50
CA ALA A 587 7.98 -4.64 40.39
C ALA A 587 8.07 -4.09 41.79
N ARG A 588 9.30 -4.04 42.30
CA ARG A 588 9.54 -3.53 43.63
C ARG A 588 9.09 -2.07 43.77
N LEU A 589 9.23 -1.31 42.69
CA LEU A 589 8.77 0.07 42.67
C LEU A 589 7.26 0.15 42.82
N THR A 590 6.58 -0.83 42.23
CA THR A 590 5.12 -0.91 42.24
C THR A 590 4.54 -1.29 43.60
N GLN A 591 5.23 -2.18 44.31
CA GLN A 591 4.84 -2.57 45.65
C GLN A 591 4.92 -1.38 46.59
N ALA A 592 6.02 -0.64 46.44
CA ALA A 592 6.29 0.60 47.16
C ALA A 592 5.11 1.56 47.05
N ARG A 593 4.69 1.82 45.82
CA ARG A 593 3.54 2.69 45.58
C ARG A 593 2.34 2.20 46.33
N ARG A 594 2.19 0.88 46.34
CA ARG A 594 1.01 0.22 46.87
C ARG A 594 1.02 0.44 48.36
N ARG A 595 2.13 0.13 49.02
CA ARG A 595 2.17 0.31 50.46
C ARG A 595 2.12 1.77 50.88
N LEU A 596 2.70 2.66 50.06
CA LEU A 596 2.66 4.09 50.34
C LEU A 596 1.25 4.66 50.23
N ALA A 597 0.49 4.16 49.27
CA ALA A 597 -0.88 4.61 49.05
C ALA A 597 -1.83 4.12 50.16
N GLN A 598 -1.52 2.95 50.70
CA GLN A 598 -2.29 2.28 51.78
C GLN A 598 -2.25 3.01 53.13
N PHE A 599 -1.11 3.62 53.41
CA PHE A 599 -0.79 4.24 54.71
C PHE A 599 -1.68 5.39 55.20
N PRO A 600 -1.99 6.38 54.32
CA PRO A 600 -2.66 7.61 54.80
C PRO A 600 -3.84 7.37 55.74
N LYS B 16 -4.70 19.81 -59.89
CA LYS B 16 -4.86 19.13 -61.17
C LYS B 16 -5.99 18.11 -61.07
N VAL B 17 -6.62 17.79 -62.20
CA VAL B 17 -7.81 16.96 -62.24
C VAL B 17 -7.65 15.52 -61.75
N ARG B 18 -6.89 14.74 -62.48
CA ARG B 18 -6.82 13.30 -62.27
C ARG B 18 -6.37 12.91 -60.85
N PRO B 19 -5.30 13.55 -60.30
CA PRO B 19 -4.98 13.27 -58.89
C PRO B 19 -6.15 13.46 -57.90
N CYS B 20 -6.88 14.58 -57.98
CA CYS B 20 -8.03 14.84 -57.10
C CYS B 20 -9.08 13.72 -57.10
N ILE B 21 -9.41 13.24 -58.28
CA ILE B 21 -10.37 12.15 -58.39
C ILE B 21 -9.75 10.85 -57.90
N ASP B 22 -8.50 10.57 -58.29
CA ASP B 22 -7.80 9.36 -57.86
C ASP B 22 -7.78 9.17 -56.34
N LEU B 23 -7.50 10.28 -55.65
CA LEU B 23 -7.50 10.32 -54.19
C LEU B 23 -8.80 9.76 -53.66
N ILE B 24 -9.87 10.50 -53.96
CA ILE B 24 -11.17 10.26 -53.36
C ILE B 24 -11.65 8.87 -53.69
N ASP B 25 -11.44 8.44 -54.93
CA ASP B 25 -11.93 7.12 -55.32
C ASP B 25 -11.26 6.03 -54.50
N SER B 26 -9.98 6.24 -54.20
CA SER B 26 -9.20 5.28 -53.43
C SER B 26 -9.59 5.27 -51.96
N LEU B 27 -9.92 6.42 -51.40
CA LEU B 27 -10.41 6.44 -50.03
C LEU B 27 -11.73 5.68 -49.95
N ARG B 28 -12.50 5.69 -51.03
CA ARG B 28 -13.74 4.94 -51.08
C ARG B 28 -13.45 3.44 -51.12
N ALA B 29 -12.40 3.05 -51.83
CA ALA B 29 -12.04 1.65 -51.90
C ALA B 29 -11.65 1.08 -50.53
N LEU B 30 -11.17 1.96 -49.64
CA LEU B 30 -10.81 1.58 -48.27
C LEU B 30 -11.99 1.02 -47.46
N GLY B 31 -13.21 1.38 -47.85
CA GLY B 31 -14.39 0.99 -47.09
C GLY B 31 -14.65 1.98 -45.97
N VAL B 32 -14.05 3.15 -46.12
CA VAL B 32 -14.13 4.20 -45.14
C VAL B 32 -15.41 5.00 -45.24
N GLU B 33 -15.97 5.07 -46.45
CA GLU B 33 -17.07 5.99 -46.76
C GLU B 33 -18.26 5.85 -45.80
N GLN B 34 -18.33 4.74 -45.07
CA GLN B 34 -19.33 4.59 -44.03
C GLN B 34 -19.00 5.38 -42.74
N ASP B 35 -17.72 5.44 -42.36
CA ASP B 35 -17.24 6.18 -41.18
C ASP B 35 -16.93 7.64 -41.55
N LEU B 36 -16.76 7.88 -42.83
CA LEU B 36 -16.33 9.19 -43.28
C LEU B 36 -17.13 9.66 -44.49
N ALA B 37 -17.45 10.96 -44.54
CA ALA B 37 -18.22 11.50 -45.66
C ALA B 37 -17.25 11.86 -46.76
N LEU B 38 -17.43 11.26 -47.93
CA LEU B 38 -16.53 11.52 -49.06
C LEU B 38 -17.23 12.26 -50.18
N PRO B 39 -16.53 13.24 -50.77
CA PRO B 39 -16.98 14.04 -51.93
C PRO B 39 -17.42 13.21 -53.11
N ALA B 40 -18.65 13.48 -53.54
CA ALA B 40 -19.26 12.68 -54.58
C ALA B 40 -20.42 13.42 -55.25
N ILE B 41 -20.74 12.98 -56.45
CA ILE B 41 -21.99 13.34 -57.07
C ILE B 41 -22.85 12.08 -57.07
N ALA B 42 -23.93 12.13 -56.30
CA ALA B 42 -24.90 11.05 -56.28
C ALA B 42 -25.99 11.39 -57.30
N VAL B 43 -26.33 10.43 -58.15
CA VAL B 43 -27.32 10.65 -59.19
C VAL B 43 -28.71 10.28 -58.72
N ILE B 44 -29.52 11.31 -58.50
CA ILE B 44 -30.91 11.11 -58.12
C ILE B 44 -31.76 10.80 -59.34
N GLY B 45 -32.41 9.65 -59.34
CA GLY B 45 -33.37 9.30 -60.36
C GLY B 45 -34.79 9.47 -59.86
N ASP B 46 -35.72 9.77 -60.75
CA ASP B 46 -37.13 9.73 -60.40
C ASP B 46 -37.49 8.38 -60.99
N GLN B 47 -38.72 7.91 -60.83
CA GLN B 47 -39.07 6.64 -61.44
C GLN B 47 -39.03 6.73 -62.97
N SER B 48 -39.82 7.65 -63.52
CA SER B 48 -39.90 7.84 -64.96
C SER B 48 -39.04 9.02 -65.48
N SER B 49 -38.00 9.38 -64.74
CA SER B 49 -37.09 10.47 -65.12
C SER B 49 -36.21 10.24 -66.34
N GLY B 50 -35.90 9.00 -66.64
CA GLY B 50 -35.01 8.72 -67.75
C GLY B 50 -33.54 8.90 -67.39
N LYS B 51 -33.25 8.88 -66.09
CA LYS B 51 -31.89 8.99 -65.56
C LYS B 51 -30.91 7.97 -66.16
N SER B 52 -31.43 6.77 -66.40
CA SER B 52 -30.65 5.66 -66.92
C SER B 52 -29.86 6.04 -68.17
N SER B 53 -30.53 6.71 -69.10
CA SER B 53 -29.96 7.01 -70.40
C SER B 53 -28.83 8.02 -70.35
N VAL B 54 -28.88 8.92 -69.39
CA VAL B 54 -27.87 9.96 -69.29
C VAL B 54 -26.54 9.35 -68.92
N LEU B 55 -26.60 8.38 -68.01
CA LEU B 55 -25.42 7.66 -67.60
C LEU B 55 -24.86 6.91 -68.79
N GLU B 56 -25.76 6.34 -69.58
CA GLU B 56 -25.40 5.69 -70.83
C GLU B 56 -24.59 6.66 -71.69
N ALA B 57 -25.03 7.91 -71.74
CA ALA B 57 -24.38 8.91 -72.57
C ALA B 57 -22.97 9.25 -72.11
N LEU B 58 -22.79 9.37 -70.80
CA LEU B 58 -21.49 9.72 -70.23
C LEU B 58 -20.54 8.52 -70.23
N SER B 59 -21.02 7.38 -69.74
CA SER B 59 -20.19 6.17 -69.66
C SER B 59 -19.84 5.64 -71.05
N GLY B 60 -20.76 5.85 -72.00
CA GLY B 60 -20.54 5.43 -73.38
C GLY B 60 -20.95 3.98 -73.59
N VAL B 61 -21.53 3.40 -72.56
CA VAL B 61 -21.90 1.99 -72.55
C VAL B 61 -23.36 1.83 -72.10
N ALA B 62 -24.01 0.74 -72.50
CA ALA B 62 -25.34 0.43 -71.99
C ALA B 62 -25.25 -0.18 -70.59
N LEU B 63 -26.11 0.28 -69.68
CA LEU B 63 -26.08 -0.16 -68.28
C LEU B 63 -27.46 -0.05 -67.62
N ARG B 72 -30.66 -3.28 -58.34
CA ARG B 72 -29.85 -2.06 -58.37
C ARG B 72 -29.47 -1.66 -56.96
N CYS B 73 -28.19 -1.83 -56.65
CA CYS B 73 -27.59 -1.28 -55.44
C CYS B 73 -26.46 -0.35 -55.88
N PRO B 74 -26.15 0.71 -55.08
CA PRO B 74 -25.31 1.86 -55.50
C PRO B 74 -24.16 1.52 -56.43
N LEU B 75 -24.12 2.19 -57.59
CA LEU B 75 -23.07 1.99 -58.57
C LEU B 75 -22.07 3.15 -58.55
N VAL B 76 -20.78 2.84 -58.45
CA VAL B 76 -19.75 3.87 -58.55
C VAL B 76 -19.22 3.84 -59.98
N LEU B 77 -19.40 4.94 -60.70
CA LEU B 77 -18.93 5.04 -62.08
C LEU B 77 -17.57 5.76 -62.14
N LYS B 78 -16.48 5.00 -62.16
CA LYS B 78 -15.15 5.60 -62.24
C LYS B 78 -14.71 5.72 -63.68
N LEU B 79 -14.69 6.96 -64.17
CA LEU B 79 -14.41 7.25 -65.58
C LEU B 79 -13.03 7.86 -65.81
N LYS B 80 -12.33 7.33 -66.81
CA LYS B 80 -10.98 7.76 -67.18
C LYS B 80 -10.83 8.09 -68.64
N LYS B 81 -10.39 9.32 -68.95
CA LYS B 81 -10.15 9.74 -70.33
C LYS B 81 -8.73 9.41 -70.77
N LEU B 82 -8.61 8.56 -71.78
CA LEU B 82 -7.32 8.14 -72.32
C LEU B 82 -6.55 9.31 -72.95
N ASN B 84 -3.69 7.86 -75.28
CA ASN B 84 -2.39 7.30 -74.95
C ASN B 84 -2.43 5.78 -74.87
N GLU B 85 -3.09 5.28 -73.82
CA GLU B 85 -3.25 3.84 -73.61
C GLU B 85 -4.05 3.32 -74.80
N ASP B 86 -5.05 4.11 -75.16
CA ASP B 86 -5.82 3.92 -76.38
C ASP B 86 -6.59 2.59 -76.38
N LYS B 87 -6.69 1.94 -75.22
CA LYS B 87 -7.47 0.70 -75.10
C LYS B 87 -8.18 0.60 -73.74
N VAL B 92 -14.21 -3.70 -63.00
CA VAL B 92 -15.48 -3.76 -62.28
C VAL B 92 -15.34 -4.64 -61.01
N SER B 93 -15.79 -4.14 -59.86
CA SER B 93 -15.64 -4.87 -58.58
C SER B 93 -16.81 -4.87 -57.60
N TYR B 94 -17.52 -5.99 -57.46
CA TYR B 94 -18.50 -6.13 -56.38
C TYR B 94 -17.91 -6.89 -55.19
N GLN B 95 -17.99 -6.32 -54.00
CA GLN B 95 -17.49 -6.98 -52.77
C GLN B 95 -16.05 -7.51 -52.80
N ASP B 96 -15.93 -8.84 -52.76
CA ASP B 96 -14.64 -9.53 -52.70
C ASP B 96 -14.07 -9.82 -54.08
N TYR B 97 -14.94 -9.75 -55.08
CA TYR B 97 -14.60 -10.23 -56.42
C TYR B 97 -14.27 -9.12 -57.40
N GLU B 98 -13.66 -9.54 -58.51
CA GLU B 98 -13.12 -8.63 -59.52
C GLU B 98 -13.42 -9.29 -60.86
N ILE B 99 -13.70 -8.49 -61.88
CA ILE B 99 -13.88 -8.98 -63.25
C ILE B 99 -13.34 -7.92 -64.21
N GLU B 100 -12.80 -8.34 -65.34
CA GLU B 100 -12.29 -7.37 -66.29
C GLU B 100 -12.94 -7.70 -67.62
N ILE B 101 -13.17 -6.67 -68.43
CA ILE B 101 -13.89 -6.86 -69.67
C ILE B 101 -13.08 -6.39 -70.88
N SER B 102 -12.92 -7.30 -71.85
CA SER B 102 -12.17 -7.00 -73.08
C SER B 102 -12.92 -6.01 -73.98
N ASP B 103 -14.25 -6.12 -74.05
CA ASP B 103 -15.03 -5.31 -74.98
C ASP B 103 -16.31 -4.75 -74.33
N ALA B 104 -16.63 -3.51 -74.71
CA ALA B 104 -17.71 -2.72 -74.09
C ALA B 104 -19.13 -3.32 -74.21
N SER B 105 -19.36 -4.27 -75.12
CA SER B 105 -20.69 -4.84 -75.33
C SER B 105 -21.20 -5.73 -74.16
N GLU B 106 -20.30 -6.47 -73.55
CA GLU B 106 -20.67 -7.42 -72.50
C GLU B 106 -21.15 -6.77 -71.20
N VAL B 107 -20.81 -5.50 -71.02
CA VAL B 107 -20.99 -4.80 -69.76
C VAL B 107 -22.37 -4.92 -69.14
N GLU B 108 -23.42 -4.79 -69.95
CA GLU B 108 -24.79 -4.71 -69.44
C GLU B 108 -25.19 -5.84 -68.51
N LYS B 109 -25.05 -7.08 -68.97
CA LYS B 109 -25.48 -8.22 -68.15
C LYS B 109 -24.57 -8.47 -66.95
N GLU B 110 -23.28 -8.18 -67.11
CA GLU B 110 -22.31 -8.39 -66.03
C GLU B 110 -22.66 -7.55 -64.79
N ILE B 111 -23.16 -6.35 -65.04
CA ILE B 111 -23.62 -5.44 -63.99
C ILE B 111 -24.77 -6.06 -63.21
N ASN B 112 -25.83 -6.40 -63.95
CA ASN B 112 -27.06 -6.96 -63.40
C ASN B 112 -26.83 -8.32 -62.71
N LYS B 113 -25.76 -9.03 -63.09
CA LYS B 113 -25.37 -10.27 -62.41
C LYS B 113 -24.86 -9.96 -61.02
N ALA B 114 -24.04 -8.93 -60.93
CA ALA B 114 -23.50 -8.47 -59.66
C ALA B 114 -24.66 -8.09 -58.74
N GLN B 115 -25.69 -7.49 -59.32
CA GLN B 115 -26.90 -7.09 -58.61
C GLN B 115 -27.66 -8.30 -58.03
N ASN B 116 -27.93 -9.30 -58.88
CA ASN B 116 -28.63 -10.52 -58.44
C ASN B 116 -27.88 -11.22 -57.32
N ALA B 117 -26.55 -11.14 -57.40
CA ALA B 117 -25.67 -11.73 -56.39
C ALA B 117 -25.95 -11.17 -55.00
N ILE B 118 -25.92 -9.85 -54.85
CA ILE B 118 -26.34 -9.20 -53.62
C ILE B 118 -27.85 -9.32 -53.40
N ALA B 119 -28.62 -8.95 -54.42
CA ALA B 119 -30.08 -8.89 -54.37
C ALA B 119 -30.55 -7.95 -53.27
N HIS B 127 -27.35 -2.34 -50.58
CA HIS B 127 -27.00 -1.14 -49.83
C HIS B 127 -25.47 -0.94 -49.86
N GLU B 128 -24.81 -1.81 -50.64
CA GLU B 128 -23.35 -1.92 -50.75
C GLU B 128 -22.87 -1.46 -52.14
N LEU B 129 -21.65 -0.95 -52.23
CA LEU B 129 -21.17 -0.36 -53.49
C LEU B 129 -20.75 -1.34 -54.57
N ILE B 130 -21.15 -1.06 -55.80
CA ILE B 130 -20.61 -1.75 -56.96
C ILE B 130 -19.82 -0.72 -57.76
N THR B 131 -18.52 -0.94 -57.91
CA THR B 131 -17.69 0.02 -58.63
C THR B 131 -17.42 -0.41 -60.08
N LEU B 132 -17.52 0.55 -61.00
CA LEU B 132 -17.30 0.32 -62.43
C LEU B 132 -16.22 1.25 -62.99
N GLU B 133 -15.20 0.66 -63.57
CA GLU B 133 -14.06 1.41 -64.11
C GLU B 133 -13.99 1.29 -65.63
N ILE B 134 -14.08 2.44 -66.30
CA ILE B 134 -14.09 2.50 -67.76
C ILE B 134 -12.99 3.42 -68.28
N SER B 135 -12.42 3.06 -69.45
CA SER B 135 -11.35 3.87 -70.05
C SER B 135 -11.45 4.03 -71.59
N SER B 136 -11.76 5.24 -72.05
CA SER B 136 -11.75 5.59 -73.48
C SER B 136 -11.58 7.11 -73.69
N ARG B 137 -11.23 7.53 -74.91
CA ARG B 137 -10.93 8.94 -75.20
C ARG B 137 -12.10 9.91 -75.09
N ASP B 138 -13.32 9.41 -75.21
CA ASP B 138 -14.47 10.29 -75.34
C ASP B 138 -15.15 10.52 -74.00
N VAL B 139 -15.01 9.52 -73.14
CA VAL B 139 -15.49 9.59 -71.76
C VAL B 139 -14.69 10.64 -70.98
N PRO B 140 -15.37 11.41 -70.11
CA PRO B 140 -14.76 12.45 -69.25
C PRO B 140 -14.09 11.89 -68.00
N ASP B 141 -13.22 12.69 -67.37
CA ASP B 141 -12.64 12.31 -66.09
C ASP B 141 -13.61 12.70 -64.99
N LEU B 142 -14.46 11.76 -64.61
CA LEU B 142 -15.59 12.08 -63.74
C LEU B 142 -16.14 10.83 -63.09
N THR B 143 -16.15 10.77 -61.75
CA THR B 143 -16.75 9.61 -61.12
C THR B 143 -18.01 9.98 -60.31
N LEU B 144 -19.06 9.22 -60.58
CA LEU B 144 -20.38 9.45 -60.01
C LEU B 144 -20.86 8.27 -59.19
N ILE B 145 -21.80 8.52 -58.30
CA ILE B 145 -22.47 7.40 -57.64
C ILE B 145 -23.94 7.38 -58.01
N ASP B 146 -24.32 6.31 -58.68
CA ASP B 146 -25.68 6.15 -59.17
C ASP B 146 -26.52 5.41 -58.14
N LEU B 147 -27.70 5.95 -57.84
CA LEU B 147 -28.59 5.30 -56.89
C LEU B 147 -29.84 4.80 -57.60
N PRO B 148 -30.51 3.81 -57.00
CA PRO B 148 -31.79 3.37 -57.53
C PRO B 148 -32.82 4.50 -57.44
N GLY B 149 -33.69 4.60 -58.45
CA GLY B 149 -34.67 5.67 -58.53
C GLY B 149 -35.71 5.69 -57.43
N ILE B 150 -36.46 6.79 -57.35
CA ILE B 150 -37.50 6.97 -56.33
C ILE B 150 -38.84 6.32 -56.70
N THR B 151 -39.57 5.86 -55.68
CA THR B 151 -40.89 5.24 -55.85
C THR B 151 -41.78 5.49 -54.64
N ALA B 160 -42.33 -5.03 -51.10
CA ALA B 160 -42.69 -3.75 -51.68
C ALA B 160 -42.61 -2.62 -50.65
N ASP B 161 -42.08 -2.93 -49.46
CA ASP B 161 -41.86 -1.93 -48.41
C ASP B 161 -40.59 -1.14 -48.74
N ILE B 162 -40.48 -0.77 -50.00
CA ILE B 162 -39.20 -0.44 -50.60
C ILE B 162 -39.02 1.09 -50.78
N GLY B 163 -40.11 1.85 -50.69
CA GLY B 163 -40.00 3.31 -50.72
C GLY B 163 -39.40 4.00 -49.51
N TYR B 164 -39.87 3.69 -48.30
CA TYR B 164 -39.25 4.26 -47.08
C TYR B 164 -37.77 3.90 -46.98
N LYS B 165 -37.40 2.74 -47.50
CA LYS B 165 -36.00 2.30 -47.48
C LYS B 165 -35.13 3.02 -48.52
N ILE B 166 -35.63 3.20 -49.74
CA ILE B 166 -34.87 3.92 -50.76
C ILE B 166 -34.70 5.37 -50.34
N LYS B 167 -35.75 5.96 -49.75
CA LYS B 167 -35.62 7.29 -49.17
C LYS B 167 -34.43 7.34 -48.20
N THR B 168 -34.38 6.41 -47.26
CA THR B 168 -33.30 6.37 -46.27
C THR B 168 -31.94 6.14 -46.96
N LEU B 169 -31.94 5.26 -47.96
CA LEU B 169 -30.73 4.92 -48.69
C LEU B 169 -30.15 6.10 -49.46
N ILE B 170 -31.00 6.70 -50.27
CA ILE B 170 -30.65 7.87 -51.05
C ILE B 170 -30.26 8.99 -50.09
N LYS B 171 -31.06 9.21 -49.06
CA LYS B 171 -30.76 10.24 -48.07
C LYS B 171 -29.43 9.99 -47.36
N LYS B 172 -29.08 8.71 -47.12
CA LYS B 172 -27.80 8.36 -46.47
C LYS B 172 -26.62 8.99 -47.24
N TYR B 173 -26.75 9.09 -48.55
CA TYR B 173 -25.76 9.84 -49.34
C TYR B 173 -26.09 11.34 -49.46
N ILE B 174 -27.34 11.68 -49.77
CA ILE B 174 -27.71 13.07 -50.05
C ILE B 174 -27.49 14.00 -48.84
N GLN B 175 -27.75 13.50 -47.64
CA GLN B 175 -27.78 14.36 -46.47
C GLN B 175 -26.41 14.92 -46.13
N ARG B 176 -25.36 14.35 -46.70
CA ARG B 176 -24.02 14.83 -46.35
C ARG B 176 -23.70 16.12 -47.09
N GLN B 177 -23.25 17.14 -46.35
CA GLN B 177 -22.86 18.40 -46.99
C GLN B 177 -21.68 18.22 -47.92
N GLU B 178 -21.19 16.99 -47.99
CA GLU B 178 -20.10 16.63 -48.88
C GLU B 178 -20.63 15.95 -50.15
N THR B 179 -21.94 15.75 -50.20
CA THR B 179 -22.53 15.18 -51.40
C THR B 179 -23.17 16.27 -52.24
N ILE B 180 -22.91 16.17 -53.53
CA ILE B 180 -23.63 16.97 -54.47
C ILE B 180 -24.71 16.11 -55.09
N SER B 181 -25.95 16.49 -54.82
CA SER B 181 -27.10 15.76 -55.30
C SER B 181 -27.35 16.17 -56.75
N LEU B 182 -27.37 15.19 -57.66
CA LEU B 182 -27.46 15.45 -59.09
C LEU B 182 -28.82 15.05 -59.62
N VAL B 183 -29.74 16.02 -59.59
CA VAL B 183 -31.15 15.79 -59.83
C VAL B 183 -31.55 15.64 -61.29
N VAL B 184 -32.10 14.50 -61.65
CA VAL B 184 -32.49 14.26 -63.04
C VAL B 184 -34.00 14.19 -63.25
N VAL B 185 -34.56 15.18 -63.93
CA VAL B 185 -35.99 15.26 -64.10
C VAL B 185 -36.44 15.56 -65.54
N PRO B 186 -37.55 14.93 -65.99
CA PRO B 186 -38.11 15.22 -67.31
C PRO B 186 -38.58 16.65 -67.43
N SER B 187 -38.28 17.25 -68.58
CA SER B 187 -38.52 18.67 -68.82
C SER B 187 -39.99 19.05 -68.98
N ASN B 188 -40.86 18.09 -69.30
CA ASN B 188 -42.28 18.42 -69.40
C ASN B 188 -42.96 18.55 -68.04
N VAL B 189 -42.39 17.89 -67.05
CA VAL B 189 -42.90 17.90 -65.67
C VAL B 189 -42.49 19.19 -64.97
N ASP B 190 -43.36 19.72 -64.10
CA ASP B 190 -42.99 20.89 -63.30
C ASP B 190 -41.79 20.51 -62.41
N ILE B 191 -40.80 21.40 -62.24
CA ILE B 191 -39.66 21.00 -61.40
C ILE B 191 -40.03 21.06 -59.93
N ALA B 192 -41.01 21.91 -59.60
CA ALA B 192 -41.45 22.06 -58.20
C ALA B 192 -42.03 20.76 -57.65
N THR B 193 -42.78 20.06 -58.48
CA THR B 193 -43.48 18.84 -58.06
C THR B 193 -42.63 17.56 -57.93
N THR B 194 -41.55 17.44 -58.72
CA THR B 194 -40.76 16.19 -58.77
C THR B 194 -40.24 15.77 -57.42
N GLU B 195 -40.26 14.47 -57.15
CA GLU B 195 -39.77 13.95 -55.88
C GLU B 195 -38.28 14.21 -55.76
N ALA B 196 -37.56 14.03 -56.86
CA ALA B 196 -36.13 14.24 -56.94
C ALA B 196 -35.74 15.60 -56.34
N LEU B 197 -36.28 16.67 -56.90
CA LEU B 197 -36.04 17.99 -56.33
C LEU B 197 -36.47 18.08 -54.86
N SER B 198 -37.62 17.50 -54.54
CA SER B 198 -38.12 17.56 -53.17
C SER B 198 -37.09 16.96 -52.23
N MET B 199 -36.59 15.79 -52.58
CA MET B 199 -35.57 15.14 -51.77
C MET B 199 -34.41 16.08 -51.62
N ALA B 200 -33.94 16.56 -52.76
CA ALA B 200 -32.81 17.45 -52.80
C ALA B 200 -33.07 18.68 -51.94
N GLN B 201 -34.27 19.24 -52.02
CA GLN B 201 -34.54 20.43 -51.22
C GLN B 201 -34.67 20.07 -49.73
N GLU B 202 -35.21 18.87 -49.43
CA GLU B 202 -35.39 18.43 -48.03
C GLU B 202 -34.07 18.48 -47.30
N VAL B 203 -33.02 18.23 -48.06
CA VAL B 203 -31.62 18.16 -47.65
C VAL B 203 -30.79 19.41 -47.98
N ASP B 204 -31.05 19.97 -49.15
CA ASP B 204 -30.34 21.16 -49.60
C ASP B 204 -31.32 22.30 -49.84
N PRO B 205 -31.76 22.95 -48.75
CA PRO B 205 -32.86 23.94 -48.77
C PRO B 205 -32.60 25.12 -49.72
N GLU B 206 -31.35 25.53 -49.79
CA GLU B 206 -30.96 26.73 -50.51
C GLU B 206 -30.35 26.44 -51.87
N GLY B 207 -30.39 25.18 -52.30
CA GLY B 207 -29.88 24.78 -53.59
C GLY B 207 -28.40 25.00 -53.82
N ASP B 208 -27.60 24.96 -52.77
CA ASP B 208 -26.17 25.23 -52.96
C ASP B 208 -25.33 23.97 -53.29
N ARG B 209 -25.95 22.79 -53.24
CA ARG B 209 -25.24 21.53 -53.52
C ARG B 209 -25.99 20.65 -54.55
N THR B 210 -26.94 21.23 -55.27
CA THR B 210 -27.74 20.47 -56.23
C THR B 210 -27.48 20.93 -57.67
N ILE B 211 -27.52 19.98 -58.59
CA ILE B 211 -27.39 20.24 -60.01
C ILE B 211 -28.57 19.62 -60.71
N GLY B 212 -29.23 20.41 -61.57
CA GLY B 212 -30.39 19.94 -62.32
C GLY B 212 -30.07 19.53 -63.74
N ILE B 213 -30.54 18.34 -64.11
CA ILE B 213 -30.46 17.89 -65.49
C ILE B 213 -31.86 17.69 -66.01
N LEU B 214 -32.25 18.46 -67.03
CA LEU B 214 -33.54 18.28 -67.69
C LEU B 214 -33.38 17.33 -68.86
N THR B 215 -34.31 16.37 -68.97
CA THR B 215 -34.24 15.33 -69.99
C THR B 215 -35.45 15.41 -70.92
N LYS B 216 -35.47 14.52 -71.92
CA LYS B 216 -36.54 14.40 -72.91
C LYS B 216 -37.25 15.72 -73.28
N PRO B 217 -36.49 16.65 -73.89
CA PRO B 217 -36.95 17.95 -74.34
C PRO B 217 -37.78 17.84 -75.61
N ASP B 218 -37.96 16.59 -76.05
CA ASP B 218 -38.86 16.28 -77.14
C ASP B 218 -40.27 16.57 -76.65
N LEU B 219 -40.58 15.95 -75.51
CA LEU B 219 -41.93 15.87 -74.97
C LEU B 219 -42.40 17.13 -74.23
N VAL B 220 -41.76 18.26 -74.49
CA VAL B 220 -42.22 19.51 -73.94
C VAL B 220 -43.49 19.89 -74.66
N ASP B 221 -44.59 19.98 -73.92
CA ASP B 221 -45.87 20.40 -74.47
C ASP B 221 -45.71 21.70 -75.24
N LYS B 222 -46.33 21.81 -76.41
CA LYS B 222 -46.13 23.02 -77.21
C LYS B 222 -46.95 24.17 -76.66
N GLY B 223 -46.31 25.33 -76.65
CA GLY B 223 -46.85 26.51 -76.01
C GLY B 223 -46.08 26.88 -74.77
N THR B 224 -45.47 25.87 -74.16
CA THR B 224 -44.76 26.09 -72.90
C THR B 224 -43.24 25.83 -72.97
N GLU B 225 -42.65 25.90 -74.16
CA GLU B 225 -41.21 25.75 -74.29
C GLU B 225 -40.51 26.89 -73.55
N ASP B 226 -41.13 28.06 -73.51
CA ASP B 226 -40.49 29.16 -72.81
C ASP B 226 -40.37 28.91 -71.30
N LYS B 227 -41.24 28.07 -70.74
CA LYS B 227 -41.18 27.73 -69.31
C LYS B 227 -39.96 26.85 -68.98
N VAL B 228 -39.58 26.00 -69.92
CA VAL B 228 -38.38 25.18 -69.78
C VAL B 228 -37.15 26.08 -69.81
N VAL B 229 -37.17 27.06 -70.70
CA VAL B 229 -36.07 27.99 -70.86
C VAL B 229 -35.86 28.82 -69.61
N ASP B 230 -36.91 29.14 -68.87
CA ASP B 230 -36.72 29.84 -67.61
C ASP B 230 -35.97 28.96 -66.56
N VAL B 231 -36.26 27.65 -66.59
CA VAL B 231 -35.64 26.75 -65.64
C VAL B 231 -34.15 26.68 -65.83
N VAL B 232 -33.76 26.41 -67.07
CA VAL B 232 -32.37 26.24 -67.43
C VAL B 232 -31.62 27.53 -67.22
N ARG B 233 -32.25 28.64 -67.51
CA ARG B 233 -31.60 29.95 -67.35
C ARG B 233 -31.55 30.39 -65.88
N ASN B 234 -32.02 29.50 -65.00
CA ASN B 234 -31.94 29.59 -63.53
C ASN B 234 -32.91 30.57 -62.90
N LEU B 235 -33.99 30.83 -63.61
CA LEU B 235 -34.99 31.82 -63.22
C LEU B 235 -36.14 31.35 -62.31
N VAL B 236 -36.32 30.03 -62.17
CA VAL B 236 -37.43 29.49 -61.38
C VAL B 236 -36.94 29.14 -59.98
N PHE B 237 -36.42 27.92 -59.76
CA PHE B 237 -35.79 27.57 -58.49
C PHE B 237 -34.30 27.69 -58.69
N HIS B 238 -33.68 28.56 -57.93
CA HIS B 238 -32.30 28.92 -58.18
C HIS B 238 -31.32 27.88 -57.57
N LEU B 239 -30.40 27.38 -58.39
CA LEU B 239 -29.36 26.43 -57.98
C LEU B 239 -27.95 27.00 -58.17
N LYS B 240 -27.15 27.06 -57.11
CA LYS B 240 -25.79 27.61 -57.21
C LYS B 240 -25.05 27.01 -58.38
N LYS B 241 -25.08 25.69 -58.45
CA LYS B 241 -24.30 24.93 -59.40
C LYS B 241 -25.06 24.69 -60.67
N GLY B 242 -26.29 25.18 -60.73
CA GLY B 242 -27.00 25.29 -62.00
C GLY B 242 -27.75 24.13 -62.64
N TYR B 243 -28.21 24.37 -63.87
CA TYR B 243 -28.98 23.42 -64.67
C TYR B 243 -28.30 23.10 -65.99
N MET B 244 -28.69 21.98 -66.59
CA MET B 244 -28.31 21.63 -67.95
C MET B 244 -29.46 20.88 -68.61
N ILE B 245 -29.57 20.93 -69.92
CA ILE B 245 -30.61 20.17 -70.60
C ILE B 245 -29.97 19.20 -71.59
N VAL B 246 -30.44 17.95 -71.64
CA VAL B 246 -29.86 16.95 -72.55
C VAL B 246 -30.90 16.11 -73.28
N LYS B 247 -30.55 15.65 -74.49
CA LYS B 247 -31.39 14.75 -75.27
C LYS B 247 -30.68 13.38 -75.39
N CYS B 248 -31.37 12.32 -74.99
CA CYS B 248 -30.76 11.00 -74.96
C CYS B 248 -31.69 9.91 -75.51
N ARG B 249 -31.27 8.66 -75.33
CA ARG B 249 -32.01 7.50 -75.85
C ARG B 249 -33.39 7.32 -75.22
N GLY B 250 -34.45 7.54 -75.98
CA GLY B 250 -35.79 7.37 -75.45
C GLY B 250 -36.22 5.91 -75.35
N GLN B 251 -37.50 5.66 -75.10
CA GLN B 251 -38.00 4.29 -74.99
C GLN B 251 -38.05 3.60 -76.36
N GLN B 252 -38.62 4.32 -77.32
CA GLN B 252 -38.84 3.81 -78.67
C GLN B 252 -37.54 3.83 -79.49
N GLU B 253 -36.54 4.53 -78.94
CA GLU B 253 -35.27 4.75 -79.63
C GLU B 253 -34.20 3.69 -79.33
N ILE B 254 -34.23 3.13 -78.12
CA ILE B 254 -33.26 2.11 -77.70
C ILE B 254 -33.46 0.77 -78.41
N GLN B 255 -34.68 0.49 -78.87
CA GLN B 255 -34.96 -0.78 -79.56
C GLN B 255 -34.20 -0.90 -80.89
N ASP B 256 -33.95 0.22 -81.55
CA ASP B 256 -33.20 0.24 -82.79
C ASP B 256 -31.73 -0.05 -82.54
N GLN B 257 -31.31 0.12 -81.28
CA GLN B 257 -29.91 0.03 -80.88
C GLN B 257 -29.08 0.91 -81.82
N LEU B 258 -29.52 2.15 -81.95
CA LEU B 258 -28.77 3.14 -82.70
C LEU B 258 -27.41 3.39 -82.08
N SER B 259 -26.47 3.83 -82.91
CA SER B 259 -25.08 4.00 -82.50
C SER B 259 -24.96 5.10 -81.44
N LEU B 260 -24.11 4.90 -80.43
CA LEU B 260 -24.03 5.83 -79.30
C LEU B 260 -23.53 7.24 -79.66
N SER B 261 -22.69 7.34 -80.70
CA SER B 261 -22.15 8.63 -81.11
C SER B 261 -23.11 9.39 -82.02
N GLU B 262 -24.03 8.68 -82.66
CA GLU B 262 -25.08 9.32 -83.46
C GLU B 262 -26.06 10.10 -82.58
N ALA B 263 -26.26 9.63 -81.35
CA ALA B 263 -27.11 10.35 -80.40
C ALA B 263 -26.43 11.65 -80.00
N LEU B 264 -25.10 11.62 -79.96
CA LEU B 264 -24.28 12.81 -79.74
C LEU B 264 -24.48 13.80 -80.88
N GLN B 265 -24.57 13.26 -82.09
CA GLN B 265 -24.80 14.08 -83.29
C GLN B 265 -26.27 14.39 -83.54
N ARG B 266 -27.16 13.55 -83.00
CA ARG B 266 -28.60 13.79 -83.17
C ARG B 266 -29.02 14.90 -82.22
N GLU B 267 -28.25 15.06 -81.14
CA GLU B 267 -28.45 16.13 -80.17
C GLU B 267 -28.13 17.50 -80.78
N LYS B 268 -26.87 17.67 -81.19
CA LYS B 268 -26.38 18.95 -81.66
C LYS B 268 -27.24 19.51 -82.80
N ILE B 269 -27.93 18.65 -83.54
CA ILE B 269 -28.86 19.15 -84.55
C ILE B 269 -30.25 19.39 -83.96
N PHE B 270 -30.58 18.73 -82.85
CA PHE B 270 -31.88 18.98 -82.21
C PHE B 270 -31.89 20.35 -81.59
N PHE B 271 -30.76 20.72 -81.00
CA PHE B 271 -30.65 21.98 -80.26
C PHE B 271 -30.27 23.12 -81.20
N GLU B 272 -29.55 22.81 -82.27
CA GLU B 272 -29.17 23.85 -83.21
C GLU B 272 -30.40 24.28 -83.99
N ASN B 273 -31.33 23.34 -84.18
CA ASN B 273 -32.55 23.62 -84.93
C ASN B 273 -33.76 23.98 -84.07
N HIS B 274 -33.81 23.50 -82.83
CA HIS B 274 -34.91 23.87 -81.94
C HIS B 274 -34.93 25.40 -81.74
N PRO B 275 -36.08 26.05 -82.01
CA PRO B 275 -36.12 27.52 -82.00
C PRO B 275 -35.96 28.11 -80.60
N TYR B 276 -36.39 27.37 -79.57
CA TYR B 276 -36.30 27.85 -78.19
C TYR B 276 -34.99 27.47 -77.52
N PHE B 277 -34.48 26.29 -77.83
CA PHE B 277 -33.38 25.74 -77.03
C PHE B 277 -32.01 26.01 -77.67
N ARG B 278 -32.02 26.53 -78.91
CA ARG B 278 -30.78 26.90 -79.59
C ARG B 278 -30.00 27.93 -78.79
N ASP B 279 -30.71 28.82 -78.10
CA ASP B 279 -30.04 29.77 -77.23
C ASP B 279 -29.44 29.06 -76.03
N LEU B 280 -30.04 27.95 -75.59
CA LEU B 280 -29.47 27.24 -74.46
C LEU B 280 -28.17 26.56 -74.88
N LEU B 281 -28.06 26.20 -76.15
CA LEU B 281 -26.81 25.66 -76.66
C LEU B 281 -25.81 26.79 -76.84
N GLU B 282 -26.29 27.93 -77.30
CA GLU B 282 -25.41 29.08 -77.44
C GLU B 282 -24.83 29.47 -76.08
N GLU B 283 -25.58 29.22 -75.01
CA GLU B 283 -25.19 29.69 -73.69
C GLU B 283 -24.47 28.60 -72.92
N GLY B 284 -24.27 27.49 -73.62
CA GLY B 284 -23.53 26.37 -73.09
C GLY B 284 -24.23 25.76 -71.92
N LYS B 285 -25.53 25.57 -72.04
CA LYS B 285 -26.25 24.90 -70.96
C LYS B 285 -26.97 23.70 -71.50
N ALA B 286 -26.59 23.30 -72.70
CA ALA B 286 -27.21 22.15 -73.33
C ALA B 286 -26.17 21.12 -73.78
N THR B 287 -26.61 19.85 -73.85
CA THR B 287 -25.88 18.65 -74.37
C THR B 287 -24.99 17.87 -73.40
N VAL B 288 -24.82 16.60 -73.72
CA VAL B 288 -24.02 15.67 -72.92
C VAL B 288 -22.53 16.05 -72.84
N PRO B 289 -21.88 16.42 -73.96
CA PRO B 289 -20.47 16.77 -73.78
C PRO B 289 -20.27 17.96 -72.86
N CYS B 290 -21.18 18.93 -72.97
CA CYS B 290 -21.15 20.10 -72.11
C CYS B 290 -21.41 19.69 -70.66
N LEU B 291 -22.38 18.80 -70.46
CA LEU B 291 -22.68 18.26 -69.14
C LEU B 291 -21.46 17.60 -68.53
N ALA B 292 -20.76 16.80 -69.34
CA ALA B 292 -19.53 16.15 -68.91
C ALA B 292 -18.48 17.17 -68.45
N GLU B 293 -18.28 18.24 -69.22
CA GLU B 293 -17.31 19.28 -68.84
C GLU B 293 -17.72 19.94 -67.52
N LYS B 294 -19.01 20.17 -67.36
CA LYS B 294 -19.58 20.77 -66.17
C LYS B 294 -19.39 19.86 -64.96
N LEU B 295 -19.69 18.58 -65.14
CA LEU B 295 -19.61 17.63 -64.08
C LEU B 295 -18.17 17.38 -63.61
N THR B 296 -17.21 17.25 -64.51
CA THR B 296 -15.85 17.02 -64.01
C THR B 296 -15.39 18.32 -63.36
N SER B 297 -15.73 19.43 -63.97
CA SER B 297 -15.38 20.71 -63.37
C SER B 297 -15.94 20.86 -61.97
N GLU B 298 -17.18 20.42 -61.78
CA GLU B 298 -17.83 20.61 -60.50
C GLU B 298 -17.26 19.65 -59.46
N LEU B 299 -16.99 18.41 -59.88
CA LEU B 299 -16.41 17.40 -59.00
C LEU B 299 -15.10 17.87 -58.44
N ILE B 300 -14.18 18.23 -59.34
CA ILE B 300 -12.84 18.70 -58.96
C ILE B 300 -12.93 19.90 -58.03
N THR B 301 -13.76 20.86 -58.39
CA THR B 301 -13.87 22.09 -57.62
C THR B 301 -14.32 21.76 -56.22
N HIS B 302 -15.16 20.73 -56.11
CA HIS B 302 -15.72 20.32 -54.84
C HIS B 302 -14.65 19.69 -53.98
N ILE B 303 -14.05 18.63 -54.51
CA ILE B 303 -12.97 17.91 -53.85
C ILE B 303 -11.91 18.87 -53.26
N CYS B 304 -11.44 19.82 -54.05
CA CYS B 304 -10.48 20.81 -53.59
C CYS B 304 -11.03 21.62 -52.42
N LYS B 305 -12.27 22.08 -52.53
CA LYS B 305 -12.88 22.83 -51.45
C LYS B 305 -12.96 21.98 -50.22
N SER B 306 -13.18 20.69 -50.42
CA SER B 306 -13.51 19.78 -49.31
C SER B 306 -12.32 19.25 -48.48
N LEU B 307 -11.13 19.18 -49.07
CA LEU B 307 -9.99 18.52 -48.42
C LEU B 307 -9.75 18.98 -46.98
N PRO B 308 -9.62 20.30 -46.74
CA PRO B 308 -9.31 20.67 -45.36
C PRO B 308 -10.40 20.30 -44.36
N LEU B 309 -11.66 20.41 -44.78
CA LEU B 309 -12.78 20.06 -43.93
C LEU B 309 -12.82 18.55 -43.74
N LEU B 310 -12.15 17.84 -44.64
CA LEU B 310 -12.05 16.39 -44.59
C LEU B 310 -10.89 15.99 -43.69
N GLU B 311 -9.75 16.65 -43.89
CA GLU B 311 -8.59 16.41 -43.05
C GLU B 311 -8.93 16.80 -41.62
N ASN B 312 -9.86 17.73 -41.47
CA ASN B 312 -10.34 18.10 -40.14
C ASN B 312 -11.28 17.06 -39.59
N GLN B 313 -11.99 16.39 -40.49
CA GLN B 313 -12.97 15.35 -40.13
C GLN B 313 -12.33 14.04 -39.69
N ILE B 314 -11.34 13.56 -40.43
CA ILE B 314 -10.68 12.30 -40.10
C ILE B 314 -10.00 12.42 -38.75
N LYS B 315 -9.36 13.56 -38.53
CA LYS B 315 -8.63 13.83 -37.30
C LYS B 315 -9.50 13.58 -36.08
N GLU B 316 -10.72 14.13 -36.10
CA GLU B 316 -11.61 14.06 -34.96
C GLU B 316 -12.29 12.70 -34.85
N THR B 317 -12.51 12.05 -35.98
CA THR B 317 -13.04 10.71 -35.99
C THR B 317 -12.05 9.72 -35.39
N HIS B 318 -10.80 9.85 -35.79
CA HIS B 318 -9.73 9.05 -35.26
C HIS B 318 -9.71 9.16 -33.75
N GLN B 319 -9.81 10.39 -33.27
CA GLN B 319 -9.85 10.64 -31.84
C GLN B 319 -10.98 9.84 -31.20
N ARG B 320 -12.22 10.07 -31.67
CA ARG B 320 -13.43 9.44 -31.12
C ARG B 320 -13.34 7.93 -31.05
N ILE B 321 -12.88 7.31 -32.12
CA ILE B 321 -12.71 5.87 -32.13
C ILE B 321 -11.60 5.40 -31.20
N THR B 322 -10.48 6.11 -31.12
CA THR B 322 -9.42 5.63 -30.22
C THR B 322 -9.91 5.65 -28.77
N GLU B 323 -10.75 6.61 -28.42
CA GLU B 323 -11.33 6.67 -27.09
C GLU B 323 -12.40 5.60 -26.84
N GLU B 324 -13.19 5.25 -27.86
CA GLU B 324 -14.11 4.12 -27.71
C GLU B 324 -13.36 2.81 -27.54
N LEU B 325 -12.14 2.72 -28.07
CA LEU B 325 -11.30 1.52 -27.92
C LEU B 325 -10.82 1.30 -26.50
N GLN B 326 -10.81 2.36 -25.71
CA GLN B 326 -10.33 2.30 -24.34
C GLN B 326 -11.25 1.46 -23.47
N LYS B 327 -12.51 1.46 -23.83
CA LYS B 327 -13.55 0.82 -23.04
C LYS B 327 -13.39 -0.69 -23.10
N TYR B 328 -12.64 -1.17 -24.09
CA TYR B 328 -12.54 -2.60 -24.34
C TYR B 328 -11.15 -3.17 -24.09
N GLY B 329 -10.46 -2.62 -23.11
CA GLY B 329 -9.25 -3.24 -22.63
C GLY B 329 -8.25 -3.18 -23.74
N VAL B 330 -7.34 -4.14 -23.77
CA VAL B 330 -6.32 -4.15 -24.79
C VAL B 330 -6.27 -5.56 -25.40
N ASP B 331 -5.55 -5.75 -26.49
CA ASP B 331 -5.43 -7.08 -27.06
C ASP B 331 -4.62 -7.98 -26.13
N ILE B 332 -4.85 -9.27 -26.25
CA ILE B 332 -4.10 -10.27 -25.54
C ILE B 332 -2.94 -10.70 -26.37
N PRO B 333 -1.72 -10.45 -25.85
CA PRO B 333 -0.48 -10.73 -26.57
C PRO B 333 -0.35 -12.20 -26.97
N GLU B 334 0.16 -12.46 -28.17
CA GLU B 334 0.45 -13.79 -28.67
C GLU B 334 1.73 -14.40 -28.07
N ASP B 335 2.75 -13.57 -27.81
CA ASP B 335 3.97 -14.07 -27.21
C ASP B 335 3.72 -14.61 -25.79
N GLU B 336 4.25 -15.79 -25.53
CA GLU B 336 4.06 -16.45 -24.25
C GLU B 336 4.62 -15.61 -23.09
N ASN B 337 5.78 -14.99 -23.31
CA ASN B 337 6.39 -14.22 -22.24
C ASN B 337 5.57 -12.98 -22.02
N GLU B 338 5.15 -12.32 -23.11
CA GLU B 338 4.21 -11.20 -22.97
C GLU B 338 2.88 -11.59 -22.29
N LYS B 339 2.37 -12.79 -22.56
CA LYS B 339 1.19 -13.34 -21.86
C LYS B 339 1.46 -13.45 -20.36
N MET B 340 2.62 -13.96 -19.99
CA MET B 340 2.92 -14.14 -18.58
C MET B 340 2.86 -12.82 -17.85
N PHE B 341 3.46 -11.77 -18.41
CA PHE B 341 3.40 -10.46 -17.79
C PHE B 341 1.97 -9.96 -17.82
N PHE B 342 1.26 -10.35 -18.86
CA PHE B 342 -0.10 -9.90 -18.98
C PHE B 342 -0.95 -10.40 -17.84
N LEU B 343 -0.85 -11.69 -17.56
CA LEU B 343 -1.57 -12.33 -16.47
C LEU B 343 -1.11 -11.80 -15.12
N SER B 344 0.19 -11.59 -14.98
CA SER B 344 0.78 -11.19 -13.70
C SER B 344 0.25 -9.86 -13.21
N ASP B 345 0.11 -8.89 -14.11
CA ASP B 345 -0.41 -7.58 -13.74
C ASP B 345 -1.84 -7.70 -13.22
N LYS B 346 -2.62 -8.52 -13.90
CA LYS B 346 -4.01 -8.76 -13.49
C LYS B 346 -4.04 -9.40 -12.11
N ILE B 347 -3.14 -10.34 -11.88
CA ILE B 347 -3.08 -11.02 -10.59
C ILE B 347 -2.74 -10.02 -9.50
N ASN B 348 -1.81 -9.11 -9.81
CA ASN B 348 -1.42 -8.07 -8.88
C ASN B 348 -2.59 -7.16 -8.54
N ALA B 349 -3.37 -6.82 -9.56
CA ALA B 349 -4.55 -5.98 -9.33
C ALA B 349 -5.54 -6.72 -8.43
N PHE B 350 -5.71 -8.01 -8.69
CA PHE B 350 -6.58 -8.86 -7.88
C PHE B 350 -6.03 -8.99 -6.45
N ASN B 351 -4.71 -9.11 -6.34
CA ASN B 351 -4.07 -9.32 -5.05
C ASN B 351 -4.02 -8.08 -4.17
N GLN B 352 -3.97 -6.91 -4.80
CA GLN B 352 -3.99 -5.69 -4.03
C GLN B 352 -5.41 -5.36 -3.53
N ASP B 353 -6.43 -5.66 -4.33
CA ASP B 353 -7.80 -5.49 -3.85
C ASP B 353 -8.01 -6.36 -2.60
N ILE B 354 -7.50 -7.59 -2.62
CA ILE B 354 -7.42 -8.49 -1.45
C ILE B 354 -6.62 -7.88 -0.28
N THR B 355 -5.44 -7.32 -0.56
CA THR B 355 -4.69 -6.65 0.48
C THR B 355 -5.51 -5.55 1.19
N ALA B 356 -6.22 -4.74 0.42
CA ALA B 356 -6.98 -3.64 0.99
C ALA B 356 -8.06 -4.16 1.98
N LEU B 357 -8.75 -5.24 1.61
CA LEU B 357 -9.69 -5.88 2.52
C LEU B 357 -9.03 -6.32 3.81
N MET B 358 -7.87 -6.96 3.69
CA MET B 358 -7.14 -7.47 4.85
C MET B 358 -6.65 -6.40 5.78
N GLN B 359 -6.51 -5.17 5.28
CA GLN B 359 -5.89 -4.11 6.07
C GLN B 359 -6.89 -3.01 6.37
N GLY B 360 -8.12 -3.21 5.95
CA GLY B 360 -9.16 -2.21 6.10
C GLY B 360 -8.83 -0.91 5.42
N GLU B 361 -8.27 -0.99 4.21
CA GLU B 361 -7.86 0.15 3.41
C GLU B 361 -8.79 0.34 2.22
N GLU B 362 -9.69 -0.61 1.99
CA GLU B 362 -10.49 -0.62 0.77
C GLU B 362 -11.46 0.58 0.65
N THR B 363 -11.65 1.03 -0.59
CA THR B 363 -12.44 2.21 -0.91
C THR B 363 -13.96 1.92 -0.93
N VAL B 364 -14.76 2.73 -0.24
CA VAL B 364 -16.19 2.40 -0.09
C VAL B 364 -17.23 3.49 -0.31
N GLY B 365 -16.82 4.75 -0.36
CA GLY B 365 -17.79 5.82 -0.46
C GLY B 365 -18.34 6.15 0.92
N GLU B 366 -19.12 7.22 1.04
CA GLU B 366 -19.48 7.76 2.34
C GLU B 366 -20.49 7.01 3.23
N GLU B 367 -21.39 6.22 2.67
CA GLU B 367 -22.43 5.66 3.52
C GLU B 367 -22.11 4.24 4.04
N ASP B 368 -21.46 3.44 3.21
CA ASP B 368 -21.17 2.04 3.55
C ASP B 368 -19.95 1.88 4.46
N ILE B 369 -19.66 0.65 4.90
CA ILE B 369 -18.46 0.41 5.73
C ILE B 369 -17.62 -0.81 5.32
N ARG B 370 -16.35 -0.80 5.73
CA ARG B 370 -15.34 -1.80 5.34
C ARG B 370 -15.38 -3.15 6.05
N LEU B 371 -14.96 -4.20 5.34
CA LEU B 371 -15.00 -5.56 5.85
C LEU B 371 -14.30 -5.69 7.19
N PHE B 372 -13.16 -5.02 7.31
CA PHE B 372 -12.46 -5.04 8.57
C PHE B 372 -13.37 -4.49 9.67
N THR B 373 -14.03 -3.36 9.41
CA THR B 373 -14.89 -2.78 10.44
C THR B 373 -16.06 -3.70 10.79
N ARG B 374 -16.70 -4.27 9.78
CA ARG B 374 -17.82 -5.20 10.02
C ARG B 374 -17.41 -6.36 10.91
N LEU B 375 -16.15 -6.75 10.81
CA LEU B 375 -15.60 -7.81 11.65
C LEU B 375 -15.37 -7.32 13.06
N ARG B 376 -15.19 -6.02 13.21
CA ARG B 376 -15.08 -5.48 14.56
C ARG B 376 -16.46 -5.48 15.24
N HIS B 377 -17.53 -5.16 14.52
CA HIS B 377 -18.89 -5.22 15.08
C HIS B 377 -19.35 -6.63 15.39
N GLU B 378 -18.81 -7.63 14.72
CA GLU B 378 -19.14 -8.99 15.10
C GLU B 378 -18.47 -9.29 16.42
N PHE B 379 -17.25 -8.78 16.58
CA PHE B 379 -16.45 -9.02 17.77
C PHE B 379 -16.97 -8.24 18.96
N HIS B 380 -17.58 -7.09 18.68
CA HIS B 380 -18.19 -6.32 19.72
C HIS B 380 -19.35 -7.10 20.27
N LYS B 381 -20.07 -7.75 19.37
CA LYS B 381 -21.17 -8.64 19.76
C LYS B 381 -20.69 -9.74 20.69
N TRP B 382 -19.50 -10.27 20.42
CA TRP B 382 -18.89 -11.31 21.21
C TRP B 382 -18.57 -10.80 22.60
N SER B 383 -18.25 -9.51 22.66
CA SER B 383 -17.97 -8.86 23.92
C SER B 383 -19.19 -8.83 24.79
N THR B 384 -20.31 -8.47 24.19
CA THR B 384 -21.57 -8.47 24.92
C THR B 384 -21.89 -9.87 25.40
N ILE B 385 -21.70 -10.85 24.54
CA ILE B 385 -21.99 -12.22 24.89
C ILE B 385 -21.16 -12.66 26.09
N ILE B 386 -19.90 -12.27 26.05
CA ILE B 386 -18.93 -12.59 27.08
C ILE B 386 -19.28 -11.92 28.40
N GLU B 387 -19.85 -10.70 28.30
CA GLU B 387 -20.26 -9.92 29.46
C GLU B 387 -21.44 -10.60 30.14
N ASN B 388 -22.43 -10.94 29.33
CA ASN B 388 -23.63 -11.60 29.79
C ASN B 388 -23.31 -12.96 30.39
N ASN B 389 -22.42 -13.71 29.77
CA ASN B 389 -22.03 -15.00 30.31
C ASN B 389 -21.29 -14.77 31.61
N PHE B 390 -20.55 -13.68 31.69
CA PHE B 390 -19.83 -13.35 32.90
C PHE B 390 -20.76 -13.00 34.05
N GLN B 391 -21.67 -12.05 33.84
CA GLN B 391 -22.53 -11.62 34.93
C GLN B 391 -23.70 -12.54 35.25
N GLU B 392 -24.37 -13.07 34.24
CA GLU B 392 -25.42 -14.05 34.50
C GLU B 392 -24.79 -15.26 35.18
N GLY B 393 -23.54 -15.55 34.85
CA GLY B 393 -22.78 -16.57 35.55
C GLY B 393 -22.39 -16.08 36.93
N HIS B 394 -22.18 -14.77 37.03
CA HIS B 394 -21.80 -14.14 38.31
C HIS B 394 -22.94 -14.27 39.31
N LYS B 395 -24.16 -14.01 38.86
CA LYS B 395 -25.31 -14.16 39.73
C LYS B 395 -25.50 -15.63 40.12
N ILE B 396 -25.31 -16.55 39.17
CA ILE B 396 -25.51 -17.97 39.46
C ILE B 396 -24.49 -18.50 40.48
N LEU B 397 -23.26 -18.02 40.41
CA LEU B 397 -22.24 -18.50 41.34
C LEU B 397 -22.46 -17.90 42.71
N SER B 398 -22.80 -16.61 42.75
CA SER B 398 -23.12 -15.93 43.99
C SER B 398 -24.48 -16.37 44.61
N ARG B 399 -25.41 -16.83 43.77
CA ARG B 399 -26.70 -17.38 44.22
C ARG B 399 -26.60 -18.83 44.71
N LYS B 400 -25.37 -19.32 44.85
CA LYS B 400 -25.10 -20.67 45.36
C LYS B 400 -24.15 -20.60 46.54
N ILE B 401 -23.39 -19.51 46.64
CA ILE B 401 -22.44 -19.30 47.72
C ILE B 401 -23.17 -19.14 49.05
N GLN B 402 -24.32 -18.48 49.00
CA GLN B 402 -25.18 -18.31 50.17
C GLN B 402 -26.33 -19.32 50.17
N LYS B 403 -26.07 -20.50 49.62
CA LYS B 403 -27.03 -21.60 49.62
C LYS B 403 -26.56 -22.72 50.53
N ARG B 420 -15.78 -27.34 44.51
CA ARG B 420 -15.92 -27.63 43.08
C ARG B 420 -17.36 -27.95 42.67
N THR B 421 -18.28 -27.98 43.63
CA THR B 421 -19.71 -27.96 43.30
C THR B 421 -19.96 -26.67 42.53
N PHE B 422 -19.13 -25.68 42.85
CA PHE B 422 -19.19 -24.35 42.25
C PHE B 422 -18.25 -24.23 41.04
N GLU B 423 -17.17 -25.01 41.03
CA GLU B 423 -16.26 -25.02 39.87
C GLU B 423 -16.93 -25.61 38.63
N THR B 424 -17.58 -26.77 38.81
CA THR B 424 -18.32 -27.42 37.74
C THR B 424 -19.32 -26.44 37.12
N ILE B 425 -19.87 -25.56 37.96
CA ILE B 425 -20.77 -24.52 37.48
C ILE B 425 -20.03 -23.48 36.60
N VAL B 426 -18.80 -23.15 36.98
CA VAL B 426 -17.97 -22.22 36.19
C VAL B 426 -17.56 -22.79 34.83
N LYS B 427 -17.34 -24.09 34.79
CA LYS B 427 -17.02 -24.76 33.54
C LYS B 427 -18.21 -24.74 32.58
N GLN B 428 -19.37 -25.02 33.14
CA GLN B 428 -20.61 -24.99 32.39
C GLN B 428 -20.79 -23.56 31.94
N GLN B 429 -20.35 -22.62 32.77
CA GLN B 429 -20.36 -21.21 32.39
C GLN B 429 -19.43 -20.94 31.21
N ILE B 430 -18.26 -21.58 31.20
CA ILE B 430 -17.30 -21.37 30.10
C ILE B 430 -17.68 -22.05 28.81
N LYS B 431 -17.98 -23.35 28.88
CA LYS B 431 -18.38 -24.12 27.70
C LYS B 431 -19.63 -23.59 27.03
N ALA B 432 -20.43 -22.82 27.77
CA ALA B 432 -21.66 -22.23 27.23
C ALA B 432 -21.32 -21.31 26.05
N LEU B 433 -20.06 -20.86 26.05
CA LEU B 433 -19.50 -19.96 25.04
C LEU B 433 -18.92 -20.68 23.81
N GLU B 434 -18.66 -21.99 23.94
CA GLU B 434 -18.04 -22.77 22.86
C GLU B 434 -18.77 -22.67 21.53
N GLU B 435 -20.09 -22.75 21.53
CA GLU B 435 -20.80 -22.70 20.26
C GLU B 435 -20.97 -21.28 19.67
N PRO B 436 -21.41 -20.31 20.49
CA PRO B 436 -21.42 -18.91 20.01
C PRO B 436 -20.10 -18.48 19.37
N ALA B 437 -18.99 -18.98 19.92
CA ALA B 437 -17.68 -18.66 19.37
C ALA B 437 -17.57 -19.24 17.98
N VAL B 438 -17.83 -20.54 17.86
CA VAL B 438 -17.73 -21.22 16.59
C VAL B 438 -18.77 -20.68 15.63
N ASP B 439 -19.93 -20.32 16.15
CA ASP B 439 -20.92 -19.64 15.31
C ASP B 439 -20.33 -18.35 14.69
N MET B 440 -19.57 -17.59 15.46
CA MET B 440 -18.97 -16.35 14.96
C MET B 440 -17.89 -16.63 13.92
N LEU B 441 -17.12 -17.69 14.14
CA LEU B 441 -16.14 -18.14 13.18
C LEU B 441 -16.85 -18.26 11.84
N HIS B 442 -17.96 -18.98 11.84
CA HIS B 442 -18.74 -19.24 10.64
C HIS B 442 -19.35 -17.95 10.10
N THR B 443 -19.81 -17.08 10.98
CA THR B 443 -20.36 -15.83 10.50
C THR B 443 -19.27 -14.98 9.84
N VAL B 444 -18.08 -14.96 10.45
CA VAL B 444 -16.99 -14.21 9.87
C VAL B 444 -16.42 -14.79 8.59
N THR B 445 -16.26 -16.12 8.49
CA THR B 445 -15.70 -16.60 7.22
C THR B 445 -16.65 -16.21 6.12
N ASP B 446 -17.95 -16.28 6.40
CA ASP B 446 -18.95 -16.00 5.38
C ASP B 446 -18.79 -14.57 4.88
N MET B 447 -18.63 -13.61 5.79
CA MET B 447 -18.41 -12.23 5.37
C MET B 447 -17.22 -12.15 4.45
N VAL B 448 -16.13 -12.81 4.86
CA VAL B 448 -14.87 -12.76 4.11
C VAL B 448 -14.98 -13.49 2.78
N ARG B 449 -15.48 -14.73 2.80
CA ARG B 449 -15.79 -15.49 1.58
C ARG B 449 -16.47 -14.60 0.56
N LEU B 450 -17.49 -13.90 1.04
CA LEU B 450 -18.23 -12.98 0.22
C LEU B 450 -17.46 -11.76 -0.26
N ALA B 451 -16.63 -11.17 0.59
CA ALA B 451 -15.88 -10.00 0.18
C ALA B 451 -14.88 -10.40 -0.92
N PHE B 452 -14.23 -11.55 -0.72
CA PHE B 452 -13.22 -12.00 -1.65
C PHE B 452 -13.89 -12.33 -2.97
N THR B 453 -15.09 -12.90 -2.92
CA THR B 453 -15.78 -13.24 -4.16
C THR B 453 -16.11 -12.00 -4.96
N ASP B 454 -16.49 -10.93 -4.27
CA ASP B 454 -16.81 -9.68 -4.95
C ASP B 454 -15.58 -9.04 -5.54
N VAL B 455 -14.41 -9.29 -4.95
CA VAL B 455 -13.19 -8.78 -5.53
C VAL B 455 -12.92 -9.49 -6.84
N SER B 456 -13.09 -10.80 -6.83
CA SER B 456 -12.93 -11.61 -8.03
C SER B 456 -13.84 -11.21 -9.17
N ILE B 457 -15.11 -10.92 -8.88
CA ILE B 457 -16.03 -10.47 -9.91
C ILE B 457 -15.53 -9.21 -10.57
N LYS B 458 -15.28 -8.16 -9.78
CA LYS B 458 -14.87 -6.88 -10.35
C LYS B 458 -13.59 -7.00 -11.15
N ASN B 459 -12.69 -7.85 -10.67
CA ASN B 459 -11.42 -8.01 -11.37
C ASN B 459 -11.51 -8.95 -12.54
N PHE B 460 -12.31 -10.00 -12.44
CA PHE B 460 -12.22 -11.04 -13.45
C PHE B 460 -13.51 -11.25 -14.17
N GLU B 461 -14.38 -10.24 -14.14
CA GLU B 461 -15.63 -10.25 -14.89
C GLU B 461 -15.38 -10.58 -16.35
N GLU B 462 -14.36 -9.95 -16.93
CA GLU B 462 -14.12 -10.17 -18.34
C GLU B 462 -13.42 -11.46 -18.63
N PHE B 463 -12.77 -12.07 -17.63
CA PHE B 463 -12.04 -13.34 -17.82
C PHE B 463 -12.65 -14.44 -16.96
N PHE B 464 -13.61 -15.14 -17.54
CA PHE B 464 -14.45 -16.02 -16.75
C PHE B 464 -13.67 -17.24 -16.24
N ASN B 465 -12.63 -17.71 -16.94
CA ASN B 465 -11.90 -18.84 -16.39
C ASN B 465 -11.03 -18.42 -15.21
N LEU B 466 -10.48 -17.21 -15.27
CA LEU B 466 -9.74 -16.65 -14.14
C LEU B 466 -10.65 -16.49 -12.95
N HIS B 467 -11.85 -15.99 -13.22
CA HIS B 467 -12.86 -15.84 -12.20
C HIS B 467 -13.30 -17.19 -11.70
N ARG B 468 -13.52 -18.16 -12.58
CA ARG B 468 -13.83 -19.51 -12.11
C ARG B 468 -12.65 -20.02 -11.25
N THR B 469 -11.42 -19.83 -11.70
CA THR B 469 -10.28 -20.28 -10.91
C THR B 469 -10.20 -19.62 -9.55
N ALA B 470 -10.35 -18.30 -9.49
CA ALA B 470 -10.27 -17.58 -8.22
C ALA B 470 -11.32 -18.12 -7.27
N LYS B 471 -12.54 -18.20 -7.77
CA LYS B 471 -13.64 -18.75 -6.97
C LYS B 471 -13.25 -20.10 -6.42
N SER B 472 -12.70 -20.96 -7.27
CA SER B 472 -12.26 -22.26 -6.79
C SER B 472 -11.23 -22.10 -5.69
N LYS B 473 -10.25 -21.19 -5.84
CA LYS B 473 -9.29 -20.96 -4.75
C LYS B 473 -10.02 -20.45 -3.48
N ILE B 474 -10.83 -19.42 -3.64
CA ILE B 474 -11.62 -18.82 -2.57
C ILE B 474 -12.42 -19.88 -1.79
N GLU B 475 -12.99 -20.87 -2.47
CA GLU B 475 -13.66 -21.92 -1.73
C GLU B 475 -12.73 -22.94 -1.05
N ASP B 476 -11.65 -23.35 -1.70
CA ASP B 476 -10.83 -24.43 -1.17
C ASP B 476 -10.09 -23.96 0.04
N ILE B 477 -9.69 -22.69 0.03
CA ILE B 477 -8.88 -22.16 1.13
C ILE B 477 -9.72 -21.84 2.35
N ARG B 478 -10.95 -21.40 2.12
CA ARG B 478 -11.95 -21.26 3.17
C ARG B 478 -12.09 -22.54 4.00
N ALA B 479 -12.39 -23.63 3.28
CA ALA B 479 -12.57 -24.95 3.86
C ALA B 479 -11.42 -25.31 4.77
N GLU B 480 -10.21 -25.03 4.29
CA GLU B 480 -9.03 -25.41 5.02
C GLU B 480 -8.90 -24.53 6.26
N GLN B 481 -8.92 -23.21 6.07
CA GLN B 481 -8.71 -22.32 7.20
C GLN B 481 -9.82 -22.46 8.25
N GLU B 482 -11.06 -22.50 7.81
CA GLU B 482 -12.16 -22.65 8.74
C GLU B 482 -12.04 -23.95 9.52
N ARG B 483 -11.48 -25.00 8.91
CA ARG B 483 -11.34 -26.28 9.60
C ARG B 483 -10.39 -26.12 10.77
N GLU B 484 -9.26 -25.52 10.48
CA GLU B 484 -8.17 -25.37 11.43
C GLU B 484 -8.55 -24.34 12.48
N GLY B 485 -9.31 -23.33 12.07
CA GLY B 485 -9.79 -22.32 13.01
C GLY B 485 -10.72 -22.93 14.04
N GLU B 486 -11.59 -23.83 13.60
CA GLU B 486 -12.51 -24.45 14.53
C GLU B 486 -11.72 -25.34 15.46
N LYS B 487 -10.93 -26.23 14.85
CA LYS B 487 -10.00 -27.10 15.57
C LYS B 487 -9.33 -26.36 16.71
N LEU B 488 -8.82 -25.16 16.45
CA LEU B 488 -8.08 -24.43 17.47
C LEU B 488 -9.00 -23.75 18.47
N ILE B 489 -10.19 -23.32 18.05
CA ILE B 489 -11.19 -22.84 19.01
C ILE B 489 -11.69 -23.97 19.89
N ARG B 490 -12.13 -25.08 19.30
CA ARG B 490 -12.63 -26.22 20.08
C ARG B 490 -11.66 -26.67 21.15
N LEU B 491 -10.37 -26.75 20.82
CA LEU B 491 -9.38 -27.22 21.80
C LEU B 491 -9.26 -26.26 22.98
N HIS B 492 -9.60 -25.00 22.73
CA HIS B 492 -9.54 -23.93 23.72
C HIS B 492 -10.50 -24.23 24.88
N PHE B 493 -11.42 -25.16 24.67
CA PHE B 493 -12.44 -25.48 25.68
C PHE B 493 -12.30 -26.85 26.37
N GLN B 494 -11.12 -27.47 26.31
CA GLN B 494 -10.87 -28.68 27.10
C GLN B 494 -9.77 -28.51 28.15
N ASP B 495 -8.65 -27.90 27.72
CA ASP B 495 -7.48 -27.63 28.57
C ASP B 495 -7.79 -26.57 29.57
N GLU B 496 -8.65 -25.66 29.14
CA GLU B 496 -8.90 -24.41 29.81
C GLU B 496 -9.89 -24.59 30.96
N GLN B 497 -10.01 -25.82 31.44
CA GLN B 497 -10.77 -26.07 32.68
C GLN B 497 -10.05 -25.59 33.97
N ILE B 498 -8.72 -25.51 33.86
CA ILE B 498 -7.77 -25.17 34.94
C ILE B 498 -8.35 -24.31 36.09
N GLN B 518 -14.24 -16.13 46.20
CA GLN B 518 -13.36 -15.04 45.80
C GLN B 518 -12.27 -15.55 44.88
N HIS B 519 -11.61 -16.63 45.30
CA HIS B 519 -10.56 -17.26 44.53
C HIS B 519 -11.12 -17.75 43.19
N LEU B 520 -12.35 -18.26 43.21
CA LEU B 520 -13.05 -18.70 41.99
C LEU B 520 -13.52 -17.54 41.12
N MET B 521 -14.07 -16.51 41.75
CA MET B 521 -14.62 -15.38 41.01
C MET B 521 -13.59 -14.66 40.16
N ALA B 522 -12.34 -14.65 40.62
CA ALA B 522 -11.23 -14.08 39.84
C ALA B 522 -10.80 -15.06 38.75
N TYR B 523 -10.81 -16.34 39.11
CA TYR B 523 -10.59 -17.41 38.16
C TYR B 523 -11.64 -17.34 37.06
N HIS B 524 -12.89 -17.08 37.45
CA HIS B 524 -13.96 -16.94 36.47
C HIS B 524 -13.72 -15.76 35.53
N GLN B 525 -13.09 -14.72 36.04
CA GLN B 525 -12.78 -13.57 35.22
C GLN B 525 -11.60 -13.92 34.31
N GLU B 526 -10.72 -14.77 34.81
CA GLU B 526 -9.53 -15.14 34.05
C GLU B 526 -9.91 -15.86 32.77
N ALA B 527 -10.68 -16.93 32.91
CA ALA B 527 -11.13 -17.66 31.75
C ALA B 527 -11.88 -16.78 30.78
N SER B 528 -12.79 -15.96 31.29
CA SER B 528 -13.57 -15.06 30.43
C SER B 528 -12.67 -14.05 29.70
N LYS B 529 -11.66 -13.55 30.41
CA LYS B 529 -10.70 -12.61 29.85
C LYS B 529 -9.95 -13.25 28.69
N ARG B 530 -9.46 -14.47 28.96
CA ARG B 530 -8.69 -15.27 28.01
C ARG B 530 -9.45 -15.53 26.74
N ILE B 531 -10.58 -16.21 26.89
CA ILE B 531 -11.41 -16.54 25.75
C ILE B 531 -11.93 -15.29 25.05
N SER B 532 -12.31 -14.27 25.81
CA SER B 532 -12.82 -13.07 25.16
C SER B 532 -11.81 -12.47 24.21
N SER B 533 -10.55 -12.86 24.38
CA SER B 533 -9.46 -12.31 23.57
C SER B 533 -9.01 -13.19 22.44
N HIS B 534 -8.81 -14.48 22.74
CA HIS B 534 -8.19 -15.42 21.83
C HIS B 534 -9.06 -15.80 20.69
N ILE B 535 -10.36 -15.85 20.95
CA ILE B 535 -11.32 -16.26 19.92
C ILE B 535 -11.28 -15.33 18.71
N PRO B 536 -11.44 -14.01 18.90
CA PRO B 536 -11.32 -13.20 17.69
C PRO B 536 -9.94 -13.31 17.04
N LEU B 537 -8.87 -13.27 17.84
CA LEU B 537 -7.53 -13.31 17.32
C LEU B 537 -7.34 -14.50 16.42
N ILE B 538 -7.90 -15.62 16.86
CA ILE B 538 -7.86 -16.85 16.08
C ILE B 538 -8.69 -16.77 14.83
N ILE B 539 -9.91 -16.28 14.95
CA ILE B 539 -10.75 -16.13 13.78
C ILE B 539 -10.04 -15.24 12.77
N GLN B 540 -9.61 -14.08 13.22
CA GLN B 540 -8.95 -13.14 12.36
C GLN B 540 -7.63 -13.66 11.76
N PHE B 541 -6.85 -14.38 12.56
CA PHE B 541 -5.63 -14.99 12.08
C PHE B 541 -5.91 -15.90 10.93
N PHE B 542 -6.85 -16.82 11.16
CA PHE B 542 -7.18 -17.85 10.20
C PHE B 542 -8.04 -17.43 9.03
N MET B 543 -9.07 -16.64 9.29
CA MET B 543 -10.13 -16.43 8.30
C MET B 543 -9.94 -15.12 7.58
N LEU B 544 -9.02 -14.31 8.06
CA LEU B 544 -8.78 -13.10 7.30
C LEU B 544 -7.33 -12.96 6.91
N GLN B 545 -6.40 -12.93 7.86
CA GLN B 545 -5.02 -12.66 7.47
C GLN B 545 -4.49 -13.86 6.68
N THR B 546 -4.64 -15.06 7.23
CA THR B 546 -4.09 -16.25 6.59
C THR B 546 -4.81 -16.58 5.30
N TYR B 547 -6.13 -16.47 5.33
CA TYR B 547 -7.01 -16.71 4.17
C TYR B 547 -6.54 -15.87 2.98
N GLY B 548 -6.45 -14.54 3.18
CA GLY B 548 -6.08 -13.62 2.12
C GLY B 548 -4.69 -13.92 1.61
N GLN B 549 -3.71 -13.96 2.50
CA GLN B 549 -2.36 -14.38 2.17
C GLN B 549 -2.36 -15.54 1.19
N GLN B 550 -2.99 -16.64 1.56
CA GLN B 550 -2.91 -17.86 0.77
C GLN B 550 -3.62 -17.71 -0.58
N LEU B 551 -4.67 -16.91 -0.59
CA LEU B 551 -5.45 -16.74 -1.80
C LEU B 551 -4.62 -16.02 -2.83
N GLN B 552 -3.87 -15.01 -2.38
CA GLN B 552 -2.93 -14.27 -3.20
C GLN B 552 -1.79 -15.14 -3.70
N SER B 553 -1.23 -15.97 -2.84
CA SER B 553 -0.13 -16.84 -3.24
C SER B 553 -0.56 -17.76 -4.34
N ALA B 554 -1.71 -18.37 -4.13
CA ALA B 554 -2.28 -19.39 -5.02
C ALA B 554 -2.45 -18.80 -6.40
N MET B 555 -2.92 -17.56 -6.38
CA MET B 555 -3.12 -16.80 -7.57
C MET B 555 -1.78 -16.46 -8.24
N SER B 556 -0.79 -16.06 -7.47
CA SER B 556 0.49 -15.71 -8.04
C SER B 556 1.18 -16.92 -8.68
N GLN B 557 0.83 -18.11 -8.22
CA GLN B 557 1.42 -19.29 -8.79
C GLN B 557 0.89 -19.55 -10.22
N LEU B 558 -0.23 -18.94 -10.57
CA LEU B 558 -0.86 -19.21 -11.86
C LEU B 558 0.03 -18.78 -12.99
N SER B 559 0.87 -17.78 -12.76
CA SER B 559 1.71 -17.24 -13.83
C SER B 559 2.80 -18.22 -14.20
N GLN B 560 3.02 -19.23 -13.37
CA GLN B 560 4.01 -20.27 -13.69
C GLN B 560 3.49 -21.27 -14.70
N ASP B 561 2.18 -21.33 -14.87
CA ASP B 561 1.54 -22.44 -15.56
C ASP B 561 1.27 -22.05 -16.99
N LYS B 562 2.34 -22.10 -17.77
CA LYS B 562 2.40 -21.58 -19.12
C LYS B 562 1.40 -22.33 -20.01
N ASP B 563 1.09 -23.57 -19.67
CA ASP B 563 0.12 -24.31 -20.49
C ASP B 563 -1.35 -24.04 -20.16
N THR B 564 -1.63 -23.10 -19.27
CA THR B 564 -2.98 -22.70 -18.94
C THR B 564 -3.27 -21.25 -19.35
N TYR B 565 -2.23 -20.55 -19.81
CA TYR B 565 -2.37 -19.13 -20.16
C TYR B 565 -3.54 -18.92 -21.12
N SER B 566 -3.61 -19.79 -22.12
CA SER B 566 -4.64 -19.79 -23.16
C SER B 566 -6.03 -19.96 -22.57
N TRP B 567 -6.18 -20.86 -21.60
CA TRP B 567 -7.48 -21.07 -20.95
C TRP B 567 -7.86 -19.92 -20.05
N LEU B 568 -7.02 -19.58 -19.08
CA LEU B 568 -7.28 -18.48 -18.16
C LEU B 568 -7.65 -17.18 -18.83
N LEU B 569 -6.99 -16.95 -19.95
CA LEU B 569 -7.05 -15.67 -20.59
C LEU B 569 -8.09 -15.65 -21.71
N LYS B 570 -8.88 -16.73 -21.81
CA LYS B 570 -10.04 -16.70 -22.69
C LYS B 570 -10.99 -15.63 -22.18
N GLU B 571 -11.38 -14.75 -23.08
CA GLU B 571 -12.13 -13.58 -22.72
C GLU B 571 -13.57 -13.59 -23.29
N ARG B 572 -14.45 -12.77 -22.73
CA ARG B 572 -15.83 -12.70 -23.17
C ARG B 572 -15.86 -12.37 -24.68
N SER B 573 -16.67 -13.09 -25.46
CA SER B 573 -16.68 -12.92 -26.92
C SER B 573 -17.24 -11.55 -27.30
N ASP B 574 -18.18 -11.11 -26.48
CA ASP B 574 -18.88 -9.85 -26.67
C ASP B 574 -17.89 -8.69 -26.80
N THR B 575 -17.06 -8.54 -25.77
CA THR B 575 -16.14 -7.43 -25.67
C THR B 575 -14.90 -7.68 -26.51
N SER B 576 -14.59 -8.94 -26.76
CA SER B 576 -13.50 -9.28 -27.67
C SER B 576 -13.82 -8.85 -29.10
N ASP B 577 -15.04 -9.15 -29.56
CA ASP B 577 -15.50 -8.72 -30.91
C ASP B 577 -15.58 -7.20 -31.09
N LYS B 578 -16.18 -6.50 -30.13
CA LYS B 578 -16.25 -5.05 -30.16
C LYS B 578 -14.86 -4.44 -30.33
N ARG B 579 -13.87 -4.97 -29.62
CA ARG B 579 -12.48 -4.50 -29.79
C ARG B 579 -11.97 -4.76 -31.22
N LYS B 580 -12.27 -5.95 -31.74
CA LYS B 580 -11.88 -6.32 -33.09
C LYS B 580 -12.39 -5.34 -34.15
N PHE B 581 -13.68 -4.97 -34.06
CA PHE B 581 -14.27 -4.08 -35.06
C PHE B 581 -13.75 -2.66 -35.03
N LEU B 582 -13.72 -2.06 -33.85
CA LEU B 582 -13.23 -0.70 -33.73
C LEU B 582 -11.82 -0.57 -34.26
N LYS B 583 -10.99 -1.57 -33.97
CA LYS B 583 -9.58 -1.56 -34.38
C LYS B 583 -9.47 -1.64 -35.88
N GLU B 584 -10.42 -2.33 -36.47
CA GLU B 584 -10.45 -2.56 -37.88
C GLU B 584 -10.93 -1.29 -38.57
N ARG B 585 -11.93 -0.63 -37.97
CA ARG B 585 -12.34 0.67 -38.49
C ARG B 585 -11.20 1.66 -38.35
N LEU B 586 -10.54 1.60 -37.20
CA LEU B 586 -9.48 2.53 -36.89
C LEU B 586 -8.33 2.31 -37.85
N ALA B 587 -8.16 1.07 -38.28
CA ALA B 587 -7.11 0.74 -39.23
C ALA B 587 -7.42 1.44 -40.52
N ARG B 588 -8.62 1.21 -41.01
CA ARG B 588 -9.05 1.84 -42.26
C ARG B 588 -8.99 3.36 -42.14
N LEU B 589 -9.28 3.90 -40.97
CA LEU B 589 -9.16 5.33 -40.74
C LEU B 589 -7.72 5.86 -40.79
N THR B 590 -6.75 5.09 -40.32
CA THR B 590 -5.37 5.58 -40.33
C THR B 590 -4.78 5.59 -41.74
N GLN B 591 -5.23 4.65 -42.57
CA GLN B 591 -4.84 4.62 -43.98
C GLN B 591 -5.33 5.87 -44.71
N ALA B 592 -6.57 6.24 -44.41
CA ALA B 592 -7.18 7.45 -44.90
C ALA B 592 -6.28 8.64 -44.62
N ARG B 593 -5.88 8.86 -43.36
CA ARG B 593 -5.00 9.99 -43.07
C ARG B 593 -3.71 9.92 -43.84
N ARG B 594 -3.23 8.70 -44.05
CA ARG B 594 -1.95 8.49 -44.68
C ARG B 594 -2.06 8.93 -46.12
N ARG B 595 -3.05 8.42 -46.83
CA ARG B 595 -3.24 8.78 -48.24
C ARG B 595 -3.62 10.26 -48.43
N LEU B 596 -4.34 10.84 -47.49
CA LEU B 596 -4.65 12.26 -47.53
C LEU B 596 -3.40 13.11 -47.35
N ALA B 597 -2.52 12.67 -46.47
CA ALA B 597 -1.27 13.37 -46.23
C ALA B 597 -0.29 13.16 -47.39
N GLN B 598 -0.34 11.97 -48.00
CA GLN B 598 0.53 11.69 -49.14
C GLN B 598 0.22 12.52 -50.39
N PHE B 599 -1.06 12.83 -50.59
CA PHE B 599 -1.57 13.44 -51.83
C PHE B 599 -0.95 14.79 -52.25
N PRO B 600 -0.83 15.77 -51.32
CA PRO B 600 -0.38 17.12 -51.71
C PRO B 600 0.86 17.16 -52.60
#